data_3R23
#
_entry.id   3R23
#
_cell.length_a   65.878
_cell.length_b   83.187
_cell.length_c   128.380
_cell.angle_alpha   90.00
_cell.angle_beta   90.00
_cell.angle_gamma   90.00
#
_symmetry.space_group_name_H-M   'P 21 21 21'
#
loop_
_entity.id
_entity.type
_entity.pdbx_description
1 polymer 'D-alanine--D-alanine ligase'
2 non-polymer 1,2-ETHANEDIOL
3 water water
#
_entity_poly.entity_id   1
_entity_poly.type   'polypeptide(L)'
_entity_poly.pdbx_seq_one_letter_code
;SNA(MSE)RIGVI(MSE)GGVSSEKQVSI(MSE)TGNE(MSE)IANLDKNKYEIVPITLNEK(MSE)DLIEKAKDIDFAL
LALHGKYGEDGTVQGTLESLGIPYSGSN(MSE)LSSGIC(MSE)DKNISKKILRYEGIETPDWIELTK(MSE)EDLNFDE
LDKLGFPLVVKPNSGGSSVGVKIVYDKDELIS(MSE)LETVFEWDSEVVIEKYIKGEEITCSIFDGKQLPIISIRHAAEF
FDYNAKYDDASTIEEVIELPAELKERVNKASLACYKALKCSVYARVD(MSE)(MSE)VKDGIPYV(MSE)EVNTLPG
(MSE)TQASLLPKSADAAGIHYSKLLD(MSE)IIETSLRVRKEEGF
;
_entity_poly.pdbx_strand_id   A,B
#
loop_
_chem_comp.id
_chem_comp.type
_chem_comp.name
_chem_comp.formula
EDO non-polymer 1,2-ETHANEDIOL 'C2 H6 O2'
#
# COMPACT_ATOMS: atom_id res chain seq x y z
N ALA A 3 9.72 26.04 -22.22
CA ALA A 3 8.99 25.87 -20.97
C ALA A 3 8.58 24.42 -20.74
N MSE A 4 8.61 24.01 -19.49
CA MSE A 4 8.12 22.70 -19.09
C MSE A 4 6.60 22.49 -19.39
O MSE A 4 5.77 23.35 -19.08
CB MSE A 4 8.36 22.50 -17.60
CG MSE A 4 8.56 21.04 -17.24
SE MSE A 4 8.44 20.83 -15.33
CE MSE A 4 9.40 22.47 -14.82
N ARG A 5 6.24 21.37 -19.97
CA ARG A 5 4.83 21.11 -20.16
C ARG A 5 4.18 20.42 -18.96
N ILE A 6 3.14 21.03 -18.44
CA ILE A 6 2.51 20.62 -17.23
C ILE A 6 1.13 20.16 -17.60
N GLY A 7 0.88 18.85 -17.49
CA GLY A 7 -0.45 18.29 -17.52
C GLY A 7 -1.23 18.51 -16.24
N VAL A 8 -2.41 19.10 -16.37
CA VAL A 8 -3.25 19.20 -15.23
C VAL A 8 -4.30 18.12 -15.34
N ILE A 9 -4.15 17.11 -14.47
CA ILE A 9 -4.86 15.83 -14.59
C ILE A 9 -6.17 15.81 -13.79
N MSE A 10 -7.28 15.77 -14.50
CA MSE A 10 -8.62 15.77 -13.91
C MSE A 10 -9.35 14.47 -14.25
O MSE A 10 -9.14 13.89 -15.31
CB MSE A 10 -9.39 16.97 -14.44
CG MSE A 10 -8.70 18.25 -14.11
SE MSE A 10 -9.40 19.84 -15.03
CE MSE A 10 -8.40 19.63 -16.72
N GLY A 11 -10.19 13.99 -13.34
CA GLY A 11 -10.80 12.70 -13.57
C GLY A 11 -11.63 12.26 -12.38
N GLY A 12 -12.11 11.04 -12.44
CA GLY A 12 -13.10 10.55 -11.48
C GLY A 12 -14.47 10.38 -12.08
N VAL A 13 -15.42 10.02 -11.23
CA VAL A 13 -16.82 9.87 -11.64
C VAL A 13 -17.70 10.77 -10.78
N SER A 14 -18.85 11.14 -11.31
CA SER A 14 -19.84 11.96 -10.61
C SER A 14 -19.28 13.19 -9.84
N SER A 15 -19.61 13.32 -8.55
CA SER A 15 -19.16 14.43 -7.73
C SER A 15 -17.63 14.63 -7.73
N GLU A 16 -16.89 13.55 -7.56
CA GLU A 16 -15.45 13.68 -7.45
C GLU A 16 -14.90 14.33 -8.71
N LYS A 17 -15.50 14.02 -9.85
CA LYS A 17 -15.01 14.57 -11.11
C LYS A 17 -15.28 16.07 -11.24
N GLN A 18 -16.41 16.50 -10.69
CA GLN A 18 -16.68 17.92 -10.55
C GLN A 18 -15.64 18.63 -9.65
N VAL A 19 -15.33 18.06 -8.50
CA VAL A 19 -14.37 18.65 -7.58
C VAL A 19 -13.07 18.73 -8.32
N SER A 20 -12.73 17.62 -8.94
CA SER A 20 -11.57 17.55 -9.82
C SER A 20 -11.51 18.62 -10.92
N ILE A 21 -12.59 18.82 -11.68
CA ILE A 21 -12.58 19.82 -12.76
C ILE A 21 -12.38 21.22 -12.22
N MSE A 22 -13.06 21.50 -11.11
CA MSE A 22 -12.94 22.75 -10.38
C MSE A 22 -11.50 23.00 -9.91
O MSE A 22 -10.88 24.00 -10.26
CB MSE A 22 -13.88 22.64 -9.21
CG MSE A 22 -13.99 23.77 -8.26
SE MSE A 22 -15.61 23.32 -7.19
CE MSE A 22 -15.30 24.58 -5.72
N THR A 23 -10.96 22.05 -9.15
CA THR A 23 -9.55 22.07 -8.77
C THR A 23 -8.64 22.28 -9.98
N GLY A 24 -8.80 21.46 -11.02
CA GLY A 24 -7.99 21.57 -12.24
C GLY A 24 -8.07 22.89 -13.02
N ASN A 25 -9.27 23.50 -13.08
CA ASN A 25 -9.47 24.87 -13.60
C ASN A 25 -8.83 25.99 -12.73
N GLU A 26 -8.88 25.86 -11.41
CA GLU A 26 -8.16 26.84 -10.59
C GLU A 26 -6.66 26.74 -10.88
N MSE A 27 -6.13 25.52 -10.95
CA MSE A 27 -4.68 25.40 -11.15
C MSE A 27 -4.29 25.98 -12.51
O MSE A 27 -3.40 26.82 -12.60
CB MSE A 27 -4.16 23.98 -10.97
CG MSE A 27 -4.53 23.33 -9.67
SE MSE A 27 -4.05 21.43 -9.77
CE MSE A 27 -3.85 21.06 -7.85
N ILE A 28 -4.98 25.57 -13.57
CA ILE A 28 -4.77 26.15 -14.90
C ILE A 28 -4.78 27.70 -14.92
N ALA A 29 -5.79 28.32 -14.32
CA ALA A 29 -5.86 29.78 -14.24
C ALA A 29 -4.69 30.41 -13.49
N ASN A 30 -4.17 29.72 -12.47
CA ASN A 30 -3.07 30.24 -11.67
C ASN A 30 -1.65 29.76 -11.94
N LEU A 31 -1.48 28.82 -12.86
CA LEU A 31 -0.13 28.39 -13.22
C LEU A 31 0.62 29.51 -14.00
N ASP A 32 1.90 29.69 -13.65
CA ASP A 32 2.69 30.82 -14.10
C ASP A 32 3.12 30.47 -15.53
N LYS A 33 2.63 31.25 -16.48
CA LYS A 33 2.81 30.90 -17.88
C LYS A 33 4.14 31.30 -18.47
N ASN A 34 4.96 32.04 -17.71
CA ASN A 34 6.36 32.26 -18.07
C ASN A 34 7.15 30.96 -17.84
N LYS A 35 6.79 30.21 -16.80
CA LYS A 35 7.44 28.94 -16.50
C LYS A 35 6.92 27.71 -17.27
N TYR A 36 5.65 27.72 -17.63
CA TYR A 36 4.97 26.47 -17.96
C TYR A 36 4.13 26.58 -19.21
N GLU A 37 4.21 25.60 -20.08
CA GLU A 37 3.23 25.43 -21.12
C GLU A 37 2.17 24.52 -20.51
N ILE A 38 0.95 25.03 -20.33
CA ILE A 38 -0.11 24.35 -19.60
C ILE A 38 -1.11 23.54 -20.44
N VAL A 39 -1.16 22.24 -20.21
CA VAL A 39 -2.08 21.38 -20.91
C VAL A 39 -3.12 20.74 -19.96
N PRO A 40 -4.41 21.03 -20.16
CA PRO A 40 -5.42 20.33 -19.36
C PRO A 40 -5.65 18.89 -19.84
N ILE A 41 -5.84 17.96 -18.90
CA ILE A 41 -6.14 16.56 -19.25
C ILE A 41 -7.36 16.03 -18.50
N THR A 42 -8.45 15.74 -19.22
CA THR A 42 -9.65 15.27 -18.56
C THR A 42 -9.96 13.84 -18.93
N LEU A 43 -9.79 12.95 -17.96
CA LEU A 43 -9.92 11.51 -18.16
C LEU A 43 -11.40 11.12 -18.08
N ASN A 44 -11.91 10.54 -19.16
CA ASN A 44 -13.22 9.91 -19.11
C ASN A 44 -13.06 8.54 -18.46
N GLU A 45 -12.04 7.81 -18.88
CA GLU A 45 -11.65 6.63 -18.11
C GLU A 45 -10.21 6.74 -17.64
N LYS A 46 -9.95 6.17 -16.48
CA LYS A 46 -8.65 6.29 -15.83
C LYS A 46 -7.52 5.91 -16.78
N MSE A 47 -7.69 4.85 -17.56
CA MSE A 47 -6.54 4.42 -18.33
C MSE A 47 -6.31 5.25 -19.63
O MSE A 47 -5.34 5.04 -20.35
CB MSE A 47 -6.55 2.90 -18.55
CG MSE A 47 -6.49 2.14 -17.23
SE MSE A 47 -5.09 2.70 -15.94
CE MSE A 47 -3.62 1.64 -16.55
N ASP A 48 -7.19 6.21 -19.90
CA ASP A 48 -7.00 7.14 -21.02
C ASP A 48 -5.73 7.95 -20.79
N LEU A 49 -5.26 7.92 -19.56
CA LEU A 49 -4.07 8.63 -19.08
C LEU A 49 -2.81 8.30 -19.85
N ILE A 50 -2.65 7.03 -20.21
CA ILE A 50 -1.44 6.58 -20.90
C ILE A 50 -1.24 7.33 -22.20
N GLU A 51 -2.32 7.46 -22.98
CA GLU A 51 -2.25 8.20 -24.23
C GLU A 51 -2.20 9.68 -24.00
N LYS A 52 -3.11 10.17 -23.17
CA LYS A 52 -3.26 11.61 -22.98
C LYS A 52 -2.04 12.23 -22.33
N ALA A 53 -1.23 11.42 -21.64
CA ALA A 53 -0.04 11.91 -20.97
C ALA A 53 1.26 11.74 -21.76
N LYS A 54 1.15 11.19 -22.96
CA LYS A 54 2.35 10.84 -23.71
C LYS A 54 3.38 11.99 -23.78
N ASP A 55 2.95 13.21 -24.11
CA ASP A 55 3.89 14.30 -24.39
C ASP A 55 4.24 15.31 -23.25
N ILE A 56 3.61 15.18 -22.07
CA ILE A 56 3.85 16.11 -20.97
C ILE A 56 5.17 15.84 -20.22
N ASP A 57 5.81 16.90 -19.71
CA ASP A 57 7.01 16.80 -18.85
C ASP A 57 6.73 16.50 -17.35
N PHE A 58 5.56 16.90 -16.85
CA PHE A 58 5.18 16.65 -15.47
C PHE A 58 3.67 16.55 -15.34
N ALA A 59 3.21 15.67 -14.46
CA ALA A 59 1.78 15.56 -14.21
C ALA A 59 1.33 16.17 -12.85
N LEU A 60 0.61 17.27 -12.94
CA LEU A 60 0.11 17.92 -11.76
C LEU A 60 -1.29 17.36 -11.51
N LEU A 61 -1.44 16.64 -10.41
CA LEU A 61 -2.67 15.92 -10.15
C LEU A 61 -3.71 16.87 -9.57
N ALA A 62 -4.81 17.02 -10.29
CA ALA A 62 -5.97 17.76 -9.79
C ALA A 62 -7.06 16.81 -9.22
N LEU A 63 -6.72 15.53 -9.13
CA LEU A 63 -7.66 14.51 -8.70
C LEU A 63 -8.09 14.69 -7.25
N HIS A 64 -9.24 14.14 -6.91
CA HIS A 64 -9.73 14.15 -5.54
C HIS A 64 -10.40 12.82 -5.26
N GLY A 65 -10.39 12.35 -4.01
CA GLY A 65 -11.05 11.10 -3.71
C GLY A 65 -10.23 9.86 -4.09
N LYS A 66 -10.88 8.70 -4.14
CA LYS A 66 -10.20 7.40 -4.19
C LYS A 66 -9.45 7.22 -5.49
N TYR A 67 -9.95 7.91 -6.48
CA TYR A 67 -9.42 7.78 -7.81
C TYR A 67 -7.97 8.31 -7.82
N GLY A 68 -7.70 9.38 -7.09
CA GLY A 68 -6.33 9.84 -6.94
C GLY A 68 -5.62 9.28 -5.73
N GLU A 69 -6.37 8.74 -4.76
CA GLU A 69 -5.86 8.05 -3.55
C GLU A 69 -5.41 6.58 -3.64
N ASP A 70 -6.02 5.79 -4.52
CA ASP A 70 -5.76 4.36 -4.41
C ASP A 70 -4.37 3.99 -4.94
N GLY A 71 -3.81 4.86 -5.80
CA GLY A 71 -2.43 4.77 -6.21
C GLY A 71 -2.22 4.16 -7.58
N THR A 72 -3.30 3.86 -8.28
CA THR A 72 -3.17 3.40 -9.62
C THR A 72 -2.59 4.49 -10.49
N VAL A 73 -2.99 5.73 -10.25
CA VAL A 73 -2.56 6.80 -11.13
C VAL A 73 -1.08 7.08 -10.93
N GLN A 74 -0.63 7.00 -9.68
CA GLN A 74 0.78 7.20 -9.35
C GLN A 74 1.68 6.05 -9.89
N GLY A 75 1.27 4.79 -9.68
CA GLY A 75 2.01 3.65 -10.21
C GLY A 75 2.07 3.72 -11.74
N THR A 76 1.02 4.29 -12.35
CA THR A 76 0.95 4.36 -13.79
C THR A 76 1.99 5.36 -14.28
N LEU A 77 1.96 6.56 -13.71
CA LEU A 77 2.85 7.60 -14.15
C LEU A 77 4.30 7.19 -13.88
N GLU A 78 4.53 6.53 -12.76
CA GLU A 78 5.83 6.02 -12.39
C GLU A 78 6.32 5.12 -13.53
N SER A 79 5.46 4.21 -13.93
CA SER A 79 5.87 3.16 -14.85
C SER A 79 6.12 3.73 -16.26
N LEU A 80 5.56 4.90 -16.55
CA LEU A 80 5.77 5.62 -17.81
C LEU A 80 6.96 6.54 -17.74
N GLY A 81 7.54 6.73 -16.54
CA GLY A 81 8.60 7.71 -16.36
C GLY A 81 8.21 9.19 -16.30
N ILE A 82 6.93 9.50 -16.18
CA ILE A 82 6.49 10.88 -16.08
C ILE A 82 6.40 11.26 -14.60
N PRO A 83 7.22 12.23 -14.18
CA PRO A 83 7.10 12.56 -12.75
C PRO A 83 5.72 13.16 -12.46
N TYR A 84 5.28 13.08 -11.22
CA TYR A 84 3.96 13.54 -10.86
C TYR A 84 3.97 14.18 -9.45
N SER A 85 2.93 14.90 -9.10
CA SER A 85 2.88 15.52 -7.76
C SER A 85 2.45 14.60 -6.61
N GLY A 86 2.88 14.89 -5.39
CA GLY A 86 2.33 14.23 -4.24
C GLY A 86 2.96 12.88 -3.97
N SER A 87 2.39 12.14 -3.05
CA SER A 87 2.93 10.87 -2.57
C SER A 87 2.90 9.77 -3.63
N ASN A 88 3.75 8.75 -3.46
CA ASN A 88 3.76 7.61 -4.40
C ASN A 88 2.62 6.58 -4.18
N MSE A 89 2.58 5.59 -5.05
CA MSE A 89 1.48 4.62 -5.05
C MSE A 89 1.31 3.94 -3.68
O MSE A 89 0.22 3.96 -3.11
CB MSE A 89 1.63 3.62 -6.20
CG MSE A 89 0.75 2.35 -6.08
SE MSE A 89 1.12 1.17 -7.65
CE MSE A 89 3.09 1.20 -7.67
N LEU A 90 2.40 3.41 -3.12
CA LEU A 90 2.31 2.73 -1.84
C LEU A 90 1.78 3.64 -0.71
N SER A 91 2.38 4.81 -0.59
CA SER A 91 2.02 5.76 0.43
C SER A 91 0.55 6.21 0.31
N SER A 92 0.05 6.32 -0.92
CA SER A 92 -1.33 6.73 -1.14
C SER A 92 -2.24 5.58 -0.69
N GLY A 93 -1.93 4.39 -1.18
CA GLY A 93 -2.70 3.22 -0.87
C GLY A 93 -2.88 3.00 0.63
N ILE A 94 -1.77 3.14 1.37
CA ILE A 94 -1.74 2.99 2.83
C ILE A 94 -2.55 4.05 3.53
N CYS A 95 -2.33 5.30 3.16
CA CYS A 95 -3.05 6.41 3.76
C CYS A 95 -4.53 6.33 3.43
N MSE A 96 -4.90 5.70 2.32
CA MSE A 96 -6.32 5.55 2.02
C MSE A 96 -6.96 4.43 2.85
O MSE A 96 -8.17 4.30 2.91
CB MSE A 96 -6.53 5.25 0.56
CG MSE A 96 -7.99 5.38 0.11
SE MSE A 96 -8.32 4.85 -1.79
CE MSE A 96 -8.19 2.90 -1.58
N ASP A 97 -6.15 3.59 3.49
CA ASP A 97 -6.70 2.45 4.19
C ASP A 97 -6.58 2.69 5.70
N LYS A 98 -7.74 2.88 6.31
CA LYS A 98 -7.79 3.39 7.66
C LYS A 98 -7.16 2.37 8.59
N ASN A 99 -7.59 1.13 8.47
CA ASN A 99 -7.09 0.07 9.32
C ASN A 99 -5.55 -0.13 9.22
N ILE A 100 -5.00 -0.24 8.01
CA ILE A 100 -3.55 -0.36 7.85
C ILE A 100 -2.85 0.88 8.40
N SER A 101 -3.37 2.06 8.06
CA SER A 101 -2.82 3.31 8.58
C SER A 101 -2.73 3.36 10.11
N LYS A 102 -3.79 2.93 10.79
CA LYS A 102 -3.82 2.99 12.25
C LYS A 102 -2.84 1.98 12.83
N LYS A 103 -2.75 0.82 12.21
CA LYS A 103 -1.79 -0.19 12.65
C LYS A 103 -0.36 0.36 12.58
N ILE A 104 -0.01 1.09 11.50
CA ILE A 104 1.34 1.62 11.33
C ILE A 104 1.68 2.81 12.22
N LEU A 105 0.72 3.71 12.43
CA LEU A 105 0.92 4.83 13.35
C LEU A 105 1.02 4.34 14.80
N ARG A 106 0.16 3.38 15.13
CA ARG A 106 0.11 2.81 16.46
C ARG A 106 1.50 2.19 16.74
N TYR A 107 2.07 1.48 15.78
CA TYR A 107 3.37 0.83 16.02
C TYR A 107 4.42 1.80 16.49
N GLU A 108 4.28 3.05 16.12
CA GLU A 108 5.24 4.09 16.48
C GLU A 108 4.85 4.78 17.76
N GLY A 109 3.68 4.42 18.28
CA GLY A 109 3.14 5.07 19.46
C GLY A 109 2.66 6.49 19.22
N ILE A 110 2.13 6.72 18.03
CA ILE A 110 1.54 8.00 17.66
C ILE A 110 0.10 7.87 18.08
N GLU A 111 -0.39 8.80 18.90
CA GLU A 111 -1.75 8.69 19.45
C GLU A 111 -2.82 8.64 18.37
N THR A 112 -3.60 7.59 18.43
CA THR A 112 -4.75 7.45 17.57
C THR A 112 -5.76 6.66 18.39
N PRO A 113 -7.06 6.92 18.20
CA PRO A 113 -7.97 6.21 19.10
C PRO A 113 -8.09 4.71 18.81
N ASP A 114 -8.41 3.91 19.84
CA ASP A 114 -8.67 2.47 19.67
C ASP A 114 -9.79 2.19 18.68
N TRP A 115 -9.66 1.08 17.98
CA TRP A 115 -10.57 0.82 16.89
C TRP A 115 -10.67 -0.68 16.70
N ILE A 116 -11.73 -1.09 16.02
CA ILE A 116 -12.00 -2.45 15.64
C ILE A 116 -12.27 -2.38 14.15
N GLU A 117 -11.84 -3.36 13.36
CA GLU A 117 -12.33 -3.41 11.98
C GLU A 117 -13.37 -4.53 11.80
N LEU A 118 -14.39 -4.29 10.98
CA LEU A 118 -15.34 -5.33 10.66
C LEU A 118 -15.40 -5.54 9.17
N THR A 119 -15.66 -6.78 8.77
CA THR A 119 -15.79 -7.15 7.37
C THR A 119 -17.22 -7.63 7.17
N LYS A 120 -17.71 -7.57 5.94
CA LYS A 120 -19.07 -8.01 5.68
C LYS A 120 -19.21 -9.54 5.65
N MSE A 121 -18.09 -10.26 5.59
CA MSE A 121 -18.14 -11.71 5.81
C MSE A 121 -18.18 -12.10 7.29
O MSE A 121 -18.95 -12.98 7.67
CB MSE A 121 -16.97 -12.42 5.11
CG MSE A 121 -16.92 -12.22 3.61
SE MSE A 121 -15.86 -10.65 3.14
CE MSE A 121 -14.10 -11.35 3.58
N GLU A 122 -17.35 -11.45 8.10
CA GLU A 122 -17.28 -11.72 9.54
C GLU A 122 -18.35 -10.90 10.25
N ASP A 123 -18.94 -11.48 11.29
CA ASP A 123 -20.23 -10.98 11.79
C ASP A 123 -20.20 -9.91 12.88
N LEU A 124 -19.04 -9.41 13.26
CA LEU A 124 -18.98 -8.47 14.38
C LEU A 124 -19.43 -9.02 15.74
N ASN A 125 -18.60 -9.87 16.35
CA ASN A 125 -18.84 -10.22 17.76
C ASN A 125 -18.93 -8.93 18.58
N PHE A 126 -20.00 -8.80 19.36
CA PHE A 126 -20.25 -7.57 20.09
C PHE A 126 -19.45 -7.47 21.38
N ASP A 127 -18.74 -8.53 21.72
CA ASP A 127 -17.86 -8.49 22.87
C ASP A 127 -16.56 -7.80 22.53
N GLU A 128 -16.02 -8.10 21.35
CA GLU A 128 -14.82 -7.43 20.88
C GLU A 128 -15.12 -5.95 20.67
N LEU A 129 -16.37 -5.65 20.29
CA LEU A 129 -16.79 -4.29 20.06
C LEU A 129 -17.28 -3.60 21.31
N ASP A 130 -17.46 -4.36 22.39
CA ASP A 130 -17.88 -3.74 23.63
C ASP A 130 -16.69 -3.27 24.46
N LYS A 131 -15.49 -3.68 24.03
CA LYS A 131 -14.25 -3.20 24.62
C LYS A 131 -13.99 -1.75 24.20
N LEU A 132 -14.70 -1.35 23.15
CA LEU A 132 -14.74 0.03 22.68
C LEU A 132 -15.68 0.82 23.57
N GLY A 133 -16.94 0.40 23.62
CA GLY A 133 -17.90 1.05 24.47
C GLY A 133 -18.50 2.20 23.70
N PHE A 134 -18.88 3.28 24.40
CA PHE A 134 -19.60 4.35 23.73
C PHE A 134 -19.13 5.77 24.05
N PRO A 135 -19.42 6.72 23.14
CA PRO A 135 -20.08 6.45 21.85
C PRO A 135 -19.02 6.18 20.79
N LEU A 136 -19.46 5.92 19.55
CA LEU A 136 -18.56 5.38 18.54
C LEU A 136 -18.71 6.08 17.22
N VAL A 137 -17.59 6.28 16.55
CA VAL A 137 -17.56 6.81 15.19
C VAL A 137 -17.43 5.64 14.20
N VAL A 138 -18.34 5.57 13.23
CA VAL A 138 -18.28 4.55 12.18
C VAL A 138 -17.80 5.15 10.83
N LYS A 139 -16.64 4.70 10.34
CA LYS A 139 -16.13 5.20 9.04
C LYS A 139 -15.83 4.10 8.03
N PRO A 140 -16.18 4.34 6.77
CA PRO A 140 -15.77 3.31 5.81
C PRO A 140 -14.25 3.22 5.84
N ASN A 141 -13.72 2.01 5.83
CA ASN A 141 -12.27 1.86 5.89
C ASN A 141 -11.51 2.57 4.76
N SER A 142 -12.03 2.49 3.53
CA SER A 142 -11.34 3.12 2.41
C SER A 142 -11.76 4.57 2.14
N GLY A 143 -12.59 5.11 3.03
CA GLY A 143 -12.94 6.52 2.99
C GLY A 143 -14.07 6.85 2.03
N GLY A 144 -13.99 8.05 1.45
CA GLY A 144 -14.94 8.44 0.43
C GLY A 144 -15.98 9.48 0.81
N SER A 145 -16.53 10.10 -0.24
CA SER A 145 -17.56 11.12 -0.14
C SER A 145 -18.96 10.51 0.03
N SER A 146 -19.21 9.42 -0.68
CA SER A 146 -20.54 8.82 -0.78
C SER A 146 -21.23 8.56 0.56
N VAL A 147 -20.72 7.58 1.30
CA VAL A 147 -21.19 7.34 2.67
C VAL A 147 -20.24 8.08 3.60
N GLY A 148 -20.79 8.86 4.52
CA GLY A 148 -19.96 9.70 5.38
C GLY A 148 -19.60 9.09 6.73
N VAL A 149 -18.89 9.89 7.52
CA VAL A 149 -18.56 9.52 8.89
C VAL A 149 -19.73 9.87 9.81
N LYS A 150 -20.08 8.95 10.70
CA LYS A 150 -21.31 9.08 11.49
C LYS A 150 -21.10 8.67 12.94
N ILE A 151 -21.66 9.44 13.87
CA ILE A 151 -21.59 9.06 15.28
C ILE A 151 -22.81 8.25 15.69
N VAL A 152 -22.58 7.20 16.49
CA VAL A 152 -23.67 6.39 17.01
C VAL A 152 -23.52 6.18 18.51
N TYR A 153 -24.57 6.56 19.24
CA TYR A 153 -24.56 6.56 20.70
C TYR A 153 -24.87 5.24 21.42
N ASP A 154 -25.76 4.45 20.81
CA ASP A 154 -26.16 3.19 21.43
C ASP A 154 -26.00 2.02 20.46
N LYS A 155 -26.36 0.82 20.91
CA LYS A 155 -26.15 -0.39 20.10
C LYS A 155 -27.02 -0.43 18.84
N ASP A 156 -28.23 0.11 18.93
CA ASP A 156 -29.16 0.04 17.81
C ASP A 156 -28.73 0.99 16.71
N GLU A 157 -28.43 2.22 17.11
CA GLU A 157 -27.95 3.25 16.20
C GLU A 157 -26.69 2.75 15.47
N LEU A 158 -25.96 1.84 16.12
CA LEU A 158 -24.78 1.20 15.53
C LEU A 158 -25.17 0.21 14.44
N ILE A 159 -26.09 -0.69 14.76
CA ILE A 159 -26.49 -1.74 13.83
C ILE A 159 -27.02 -1.16 12.52
N SER A 160 -27.82 -0.11 12.63
CA SER A 160 -28.28 0.57 11.43
C SER A 160 -27.09 1.08 10.64
N MSE A 161 -26.26 1.89 11.30
CA MSE A 161 -25.13 2.56 10.65
C MSE A 161 -24.21 1.56 9.94
O MSE A 161 -23.62 1.89 8.91
CB MSE A 161 -24.34 3.42 11.65
CG MSE A 161 -23.21 4.21 11.02
SE MSE A 161 -23.76 5.50 9.64
CE MSE A 161 -22.35 5.24 8.34
N LEU A 162 -24.12 0.34 10.48
CA LEU A 162 -23.35 -0.73 9.84
C LEU A 162 -23.95 -1.25 8.51
N GLU A 163 -25.27 -1.30 8.41
CA GLU A 163 -25.89 -1.74 7.17
C GLU A 163 -25.72 -0.66 6.13
N THR A 164 -25.93 0.59 6.54
CA THR A 164 -25.69 1.76 5.68
C THR A 164 -24.27 1.79 5.05
N VAL A 165 -23.24 1.47 5.83
CA VAL A 165 -21.88 1.48 5.31
C VAL A 165 -21.53 0.26 4.47
N PHE A 166 -21.95 -0.93 4.92
CA PHE A 166 -21.51 -2.18 4.29
C PHE A 166 -21.88 -2.41 2.82
N GLU A 167 -22.96 -1.79 2.37
CA GLU A 167 -23.27 -1.83 0.95
C GLU A 167 -22.20 -1.08 0.15
N TRP A 168 -21.73 0.03 0.70
CA TRP A 168 -20.67 0.82 0.07
C TRP A 168 -19.20 0.38 0.28
N ASP A 169 -18.90 -0.30 1.37
CA ASP A 169 -17.52 -0.69 1.68
C ASP A 169 -17.45 -2.09 2.27
N SER A 170 -16.52 -2.90 1.78
CA SER A 170 -16.23 -4.20 2.38
C SER A 170 -15.82 -4.09 3.86
N GLU A 171 -15.05 -3.05 4.17
CA GLU A 171 -14.43 -2.90 5.47
C GLU A 171 -14.91 -1.62 6.13
N VAL A 172 -14.98 -1.62 7.45
CA VAL A 172 -15.47 -0.50 8.22
C VAL A 172 -14.59 -0.41 9.43
N VAL A 173 -14.33 0.80 9.89
CA VAL A 173 -13.46 0.97 11.03
C VAL A 173 -14.33 1.66 12.04
N ILE A 174 -14.28 1.18 13.28
CA ILE A 174 -15.13 1.67 14.33
C ILE A 174 -14.24 2.09 15.50
N GLU A 175 -14.36 3.35 15.89
CA GLU A 175 -13.44 3.95 16.85
C GLU A 175 -14.19 4.41 18.07
N LYS A 176 -13.47 4.51 19.18
CA LYS A 176 -13.99 5.25 20.31
C LYS A 176 -14.21 6.65 19.76
N TYR A 177 -15.32 7.28 20.12
CA TYR A 177 -15.48 8.69 19.84
C TYR A 177 -14.65 9.48 20.83
N ILE A 178 -13.97 10.52 20.37
CA ILE A 178 -13.37 11.42 21.34
C ILE A 178 -13.88 12.84 21.18
N LYS A 179 -14.53 13.33 22.23
CA LYS A 179 -15.01 14.71 22.33
C LYS A 179 -13.78 15.59 22.48
N GLY A 180 -13.65 16.59 21.61
CA GLY A 180 -12.49 17.45 21.69
C GLY A 180 -12.52 18.61 20.72
N GLU A 181 -11.37 19.24 20.55
CA GLU A 181 -11.26 20.36 19.63
C GLU A 181 -10.66 19.87 18.31
N GLU A 182 -11.33 20.09 17.20
CA GLU A 182 -10.75 19.68 15.92
C GLU A 182 -9.71 20.65 15.38
N ILE A 183 -8.68 20.09 14.75
CA ILE A 183 -7.63 20.84 14.06
C ILE A 183 -7.13 20.12 12.80
N THR A 184 -6.53 20.86 11.87
CA THR A 184 -5.99 20.24 10.67
C THR A 184 -4.61 20.76 10.51
N CYS A 185 -3.68 19.88 10.16
CA CYS A 185 -2.27 20.22 10.05
C CYS A 185 -1.74 19.87 8.67
N SER A 186 -1.38 20.89 7.92
CA SER A 186 -0.86 20.64 6.60
C SER A 186 0.67 20.51 6.69
N ILE A 187 1.23 19.49 6.05
CA ILE A 187 2.69 19.36 5.96
C ILE A 187 3.16 19.68 4.52
N PHE A 188 4.15 20.55 4.38
CA PHE A 188 4.71 20.69 3.04
C PHE A 188 6.19 20.35 2.99
N ASP A 189 6.50 19.25 2.30
CA ASP A 189 7.88 18.82 2.16
C ASP A 189 8.56 18.72 3.52
N GLY A 190 7.92 18.01 4.45
CA GLY A 190 8.46 17.82 5.79
C GLY A 190 8.48 19.01 6.76
N LYS A 191 7.86 20.13 6.39
CA LYS A 191 7.75 21.31 7.26
C LYS A 191 6.28 21.52 7.60
N GLN A 192 5.99 21.91 8.86
CA GLN A 192 4.59 22.14 9.28
C GLN A 192 4.11 23.52 8.90
N LEU A 193 2.97 23.58 8.22
CA LEU A 193 2.39 24.87 7.87
C LEU A 193 1.52 25.29 9.06
N PRO A 194 0.95 26.51 9.02
CA PRO A 194 0.09 26.94 10.14
C PRO A 194 -1.08 26.01 10.39
N ILE A 195 -1.35 25.74 11.66
CA ILE A 195 -2.45 24.88 12.06
C ILE A 195 -3.81 25.56 11.94
N ILE A 196 -4.78 24.84 11.38
CA ILE A 196 -6.13 25.38 11.25
C ILE A 196 -7.06 24.81 12.35
N SER A 197 -7.83 25.68 13.00
CA SER A 197 -8.80 25.24 13.99
C SER A 197 -10.16 25.21 13.33
N ILE A 198 -10.90 24.16 13.63
CA ILE A 198 -12.18 23.96 13.01
C ILE A 198 -13.22 23.97 14.10
N ARG A 199 -14.23 24.82 14.00
CA ARG A 199 -15.37 24.70 14.91
C ARG A 199 -16.66 24.65 14.10
N HIS A 200 -17.72 24.24 14.78
CA HIS A 200 -18.97 23.96 14.15
C HIS A 200 -19.95 25.03 14.59
N ALA A 201 -20.77 25.49 13.66
CA ALA A 201 -21.90 26.30 14.05
C ALA A 201 -23.10 26.06 13.15
N ALA A 202 -24.28 25.96 13.75
CA ALA A 202 -25.49 25.77 12.96
C ALA A 202 -25.71 26.95 11.99
N GLU A 203 -26.26 26.65 10.83
CA GLU A 203 -26.48 27.62 9.78
C GLU A 203 -27.91 27.42 9.27
N PHE A 204 -28.67 28.50 9.11
CA PHE A 204 -29.96 28.47 8.43
C PHE A 204 -29.90 29.10 7.03
N PHE A 205 -30.33 28.35 6.01
CA PHE A 205 -30.47 28.87 4.66
C PHE A 205 -31.93 29.09 4.23
N ASP A 206 -32.31 30.35 4.11
CA ASP A 206 -33.67 30.77 3.80
C ASP A 206 -34.24 30.26 2.46
N TYR A 207 -33.59 30.54 1.35
CA TYR A 207 -34.13 30.20 0.03
C TYR A 207 -34.46 28.70 -0.15
N ASN A 208 -33.52 27.83 0.20
CA ASN A 208 -33.73 26.40 0.06
C ASN A 208 -34.42 25.85 1.30
N ALA A 209 -34.68 26.72 2.26
CA ALA A 209 -35.36 26.32 3.50
C ALA A 209 -34.62 25.16 4.15
N LYS A 210 -33.31 25.32 4.24
CA LYS A 210 -32.45 24.25 4.71
C LYS A 210 -31.78 24.66 6.02
N TYR A 211 -31.56 23.68 6.87
CA TYR A 211 -30.85 23.94 8.10
C TYR A 211 -29.75 22.93 8.20
N ASP A 212 -28.57 23.42 8.58
CA ASP A 212 -27.39 22.59 8.65
C ASP A 212 -26.74 22.88 9.96
N ASP A 213 -26.67 21.91 10.85
CA ASP A 213 -25.88 22.12 12.07
C ASP A 213 -24.49 21.50 11.94
N ALA A 214 -24.24 20.93 10.76
CA ALA A 214 -22.93 20.36 10.40
C ALA A 214 -22.00 21.45 9.87
N SER A 215 -22.48 22.70 9.89
CA SER A 215 -21.75 23.85 9.34
C SER A 215 -20.40 24.10 9.99
N THR A 216 -19.38 24.16 9.15
CA THR A 216 -18.00 24.18 9.62
C THR A 216 -17.36 25.57 9.51
N ILE A 217 -16.62 25.97 10.54
CA ILE A 217 -15.85 27.22 10.46
C ILE A 217 -14.33 27.00 10.68
N GLU A 218 -13.49 27.47 9.75
CA GLU A 218 -12.10 27.08 9.71
C GLU A 218 -11.27 28.32 9.79
N GLU A 219 -10.41 28.43 10.81
CA GLU A 219 -9.63 29.65 11.03
C GLU A 219 -8.17 29.42 11.41
N VAL A 220 -7.29 30.31 10.96
CA VAL A 220 -5.90 30.16 11.36
C VAL A 220 -5.65 31.03 12.59
N ILE A 221 -5.52 30.38 13.75
CA ILE A 221 -5.38 31.03 15.07
C ILE A 221 -4.15 30.42 15.74
N GLU A 222 -3.24 31.25 16.21
CA GLU A 222 -2.07 30.74 16.89
C GLU A 222 -2.45 29.91 18.16
N LEU A 223 -1.98 28.66 18.20
CA LEU A 223 -2.17 27.77 19.34
C LEU A 223 -1.15 28.13 20.39
N PRO A 224 -1.46 27.88 21.67
CA PRO A 224 -0.46 28.01 22.73
C PRO A 224 0.77 27.21 22.37
N ALA A 225 1.95 27.74 22.70
CA ALA A 225 3.24 27.20 22.28
C ALA A 225 3.49 25.73 22.56
N GLU A 226 3.00 25.23 23.69
CA GLU A 226 3.23 23.84 24.09
C GLU A 226 2.45 22.85 23.22
N LEU A 227 1.15 23.11 23.08
CA LEU A 227 0.27 22.32 22.26
C LEU A 227 0.75 22.36 20.82
N LYS A 228 1.04 23.54 20.33
CA LYS A 228 1.59 23.68 18.99
C LYS A 228 2.86 22.82 18.77
N GLU A 229 3.78 22.79 19.74
CA GLU A 229 4.96 21.90 19.62
C GLU A 229 4.57 20.42 19.61
N ARG A 230 3.55 20.07 20.37
CA ARG A 230 3.10 18.68 20.49
C ARG A 230 2.31 18.23 19.23
N VAL A 231 1.40 19.09 18.76
CA VAL A 231 0.77 18.90 17.46
C VAL A 231 1.76 18.82 16.28
N ASN A 232 2.70 19.76 16.20
CA ASN A 232 3.74 19.70 15.14
C ASN A 232 4.62 18.44 15.18
N LYS A 233 4.91 17.89 16.36
CA LYS A 233 5.68 16.64 16.42
C LYS A 233 4.89 15.48 15.82
N ALA A 234 3.66 15.32 16.30
CA ALA A 234 2.77 14.25 15.90
C ALA A 234 2.46 14.34 14.42
N SER A 235 2.10 15.54 13.95
CA SER A 235 1.74 15.67 12.54
C SER A 235 2.86 15.26 11.62
N LEU A 236 4.06 15.79 11.83
CA LEU A 236 5.26 15.32 11.09
C LEU A 236 5.58 13.79 11.21
N ALA A 237 5.34 13.21 12.37
CA ALA A 237 5.61 11.78 12.57
C ALA A 237 4.66 10.92 11.77
N CYS A 238 3.44 11.41 11.60
CA CYS A 238 2.45 10.78 10.72
C CYS A 238 2.86 10.78 9.26
N TYR A 239 3.39 11.91 8.83
CA TYR A 239 3.78 12.13 7.45
C TYR A 239 4.95 11.22 7.15
N LYS A 240 5.93 11.20 8.06
CA LYS A 240 7.06 10.32 7.91
C LYS A 240 6.64 8.83 8.04
N ALA A 241 5.79 8.49 9.02
CA ALA A 241 5.38 7.09 9.24
C ALA A 241 4.60 6.47 8.10
N LEU A 242 3.79 7.28 7.44
CA LEU A 242 3.04 6.77 6.29
C LEU A 242 3.79 7.01 4.94
N LYS A 243 5.02 7.51 5.00
CA LYS A 243 5.89 7.64 3.81
C LYS A 243 5.37 8.62 2.78
N CYS A 244 4.61 9.60 3.26
CA CYS A 244 4.04 10.61 2.39
C CYS A 244 5.16 11.47 1.84
N SER A 245 4.87 12.18 0.77
CA SER A 245 5.80 13.16 0.31
C SER A 245 5.18 14.32 -0.45
N VAL A 246 5.92 15.42 -0.40
CA VAL A 246 5.65 16.72 -1.00
C VAL A 246 4.52 17.49 -0.32
N TYR A 247 3.54 16.77 0.20
CA TYR A 247 2.52 17.39 1.04
C TYR A 247 1.50 16.39 1.50
N ALA A 248 0.84 16.71 2.60
CA ALA A 248 -0.18 15.85 3.16
C ALA A 248 -0.95 16.70 4.13
N ARG A 249 -2.15 16.26 4.46
CA ARG A 249 -2.97 16.96 5.44
C ARG A 249 -3.27 15.97 6.51
N VAL A 250 -2.98 16.33 7.75
CA VAL A 250 -3.26 15.43 8.87
C VAL A 250 -4.33 16.09 9.71
N ASP A 251 -5.51 15.46 9.77
CA ASP A 251 -6.63 15.88 10.63
C ASP A 251 -6.51 15.31 12.06
N MSE A 252 -6.72 16.18 13.06
CA MSE A 252 -6.45 15.80 14.43
C MSE A 252 -7.54 16.27 15.39
O MSE A 252 -8.24 17.24 15.11
CB MSE A 252 -5.10 16.35 14.88
CG MSE A 252 -3.96 16.09 13.91
SE MSE A 252 -2.19 16.10 14.79
CE MSE A 252 -2.28 14.34 15.65
N MSE A 253 -7.70 15.51 16.48
CA MSE A 253 -8.64 15.86 17.55
C MSE A 253 -7.83 16.04 18.83
O MSE A 253 -7.21 15.09 19.29
CB MSE A 253 -9.64 14.75 17.78
CG MSE A 253 -10.61 15.11 18.88
SE MSE A 253 -12.01 16.31 18.25
CE MSE A 253 -13.00 15.11 17.05
N VAL A 254 -7.84 17.24 19.40
CA VAL A 254 -7.09 17.51 20.62
C VAL A 254 -8.02 17.29 21.82
N LYS A 255 -7.59 16.46 22.78
CA LYS A 255 -8.32 16.28 24.02
C LYS A 255 -7.38 16.32 25.22
N ASP A 256 -7.64 17.23 26.16
CA ASP A 256 -6.80 17.38 27.34
C ASP A 256 -5.33 17.54 26.95
N GLY A 257 -5.11 18.39 25.95
CA GLY A 257 -3.77 18.74 25.50
C GLY A 257 -3.09 17.71 24.64
N ILE A 258 -3.80 16.64 24.31
CA ILE A 258 -3.23 15.55 23.54
C ILE A 258 -3.89 15.40 22.15
N PRO A 259 -3.10 15.62 21.08
CA PRO A 259 -3.60 15.52 19.71
C PRO A 259 -3.73 14.06 19.35
N TYR A 260 -4.79 13.66 18.66
CA TYR A 260 -4.97 12.28 18.23
C TYR A 260 -5.17 12.31 16.74
N VAL A 261 -4.58 11.37 16.03
CA VAL A 261 -4.67 11.42 14.58
C VAL A 261 -6.01 10.87 14.17
N MSE A 262 -6.81 11.71 13.51
CA MSE A 262 -8.03 11.31 12.82
C MSE A 262 -7.92 10.82 11.38
O MSE A 262 -8.58 9.87 11.00
CB MSE A 262 -9.06 12.42 12.95
CG MSE A 262 -9.17 12.85 14.41
SE MSE A 262 -9.92 11.41 15.57
CE MSE A 262 -8.47 11.25 16.87
N GLU A 263 -7.13 11.53 10.57
CA GLU A 263 -7.06 11.23 9.15
C GLU A 263 -5.69 11.63 8.65
N VAL A 264 -5.14 10.90 7.69
CA VAL A 264 -3.97 11.37 6.94
C VAL A 264 -4.32 11.37 5.46
N ASN A 265 -4.29 12.57 4.86
N ASN A 265 -4.35 12.53 4.82
CA ASN A 265 -4.69 12.83 3.47
CA ASN A 265 -4.73 12.55 3.41
C ASN A 265 -3.49 13.03 2.51
C ASN A 265 -3.62 13.02 2.45
N THR A 266 -3.23 12.12 1.57
CA THR A 266 -2.15 12.41 0.59
C THR A 266 -2.65 13.29 -0.56
N LEU A 267 -3.96 13.38 -0.69
CA LEU A 267 -4.58 14.15 -1.75
C LEU A 267 -5.68 15.06 -1.20
N PRO A 268 -5.31 15.98 -0.30
CA PRO A 268 -6.34 16.91 0.17
C PRO A 268 -6.81 17.87 -0.93
N GLY A 269 -7.81 18.66 -0.54
CA GLY A 269 -8.34 19.70 -1.37
C GLY A 269 -7.26 20.71 -1.72
N MSE A 270 -7.10 20.92 -3.02
CA MSE A 270 -6.30 21.94 -3.65
C MSE A 270 -6.96 23.19 -4.24
O MSE A 270 -6.32 23.92 -4.99
CB MSE A 270 -5.34 21.29 -4.66
CG MSE A 270 -4.28 20.43 -3.95
SE MSE A 270 -3.19 21.48 -2.68
CE MSE A 270 -2.62 22.82 -3.97
N THR A 271 -8.27 23.39 -4.08
CA THR A 271 -8.80 24.71 -4.46
C THR A 271 -8.36 25.78 -3.46
N GLN A 272 -8.32 27.03 -3.90
CA GLN A 272 -7.88 28.09 -2.96
C GLN A 272 -8.71 28.18 -1.71
N ALA A 273 -9.97 27.74 -1.77
CA ALA A 273 -10.78 27.73 -0.56
C ALA A 273 -10.49 26.51 0.33
N SER A 274 -9.80 25.49 -0.21
CA SER A 274 -9.41 24.31 0.59
C SER A 274 -8.40 24.64 1.71
N LEU A 275 -8.31 23.74 2.68
CA LEU A 275 -7.50 23.88 3.87
C LEU A 275 -5.99 24.01 3.64
N LEU A 276 -5.40 23.16 2.82
CA LEU A 276 -3.96 23.23 2.68
C LEU A 276 -3.52 24.54 2.00
N PRO A 277 -4.23 24.94 0.94
CA PRO A 277 -3.97 26.28 0.38
C PRO A 277 -4.16 27.45 1.33
N LYS A 278 -5.20 27.42 2.18
CA LYS A 278 -5.42 28.51 3.14
C LYS A 278 -4.27 28.57 4.14
N SER A 279 -3.75 27.41 4.46
CA SER A 279 -2.74 27.32 5.46
C SER A 279 -1.42 27.85 4.89
N ALA A 280 -1.14 27.48 3.66
CA ALA A 280 0.05 27.95 2.97
C ALA A 280 -0.04 29.45 2.76
N ASP A 281 -1.26 29.93 2.54
CA ASP A 281 -1.48 31.36 2.40
C ASP A 281 -1.29 32.09 3.73
N ALA A 282 -1.60 31.45 4.84
CA ALA A 282 -1.37 32.10 6.13
C ALA A 282 0.13 32.20 6.36
N ALA A 283 0.89 31.32 5.70
CA ALA A 283 2.34 31.31 5.80
C ALA A 283 2.97 32.25 4.75
N GLY A 284 2.14 32.98 3.99
CA GLY A 284 2.64 33.85 2.96
C GLY A 284 3.04 33.16 1.66
N ILE A 285 2.77 31.85 1.52
CA ILE A 285 2.99 31.14 0.26
C ILE A 285 1.66 31.20 -0.45
N HIS A 286 1.57 32.01 -1.48
N HIS A 286 1.62 31.96 -1.52
CA HIS A 286 0.26 32.23 -2.04
CA HIS A 286 0.35 32.34 -2.12
C HIS A 286 0.04 31.18 -3.10
C HIS A 286 0.14 31.47 -3.38
N TYR A 287 -1.11 31.21 -3.76
CA TYR A 287 -1.51 30.07 -4.55
C TYR A 287 -0.61 29.73 -5.75
N SER A 288 -0.25 30.72 -6.54
CA SER A 288 0.65 30.46 -7.64
C SER A 288 1.99 29.89 -7.17
N LYS A 289 2.55 30.40 -6.07
CA LYS A 289 3.80 29.83 -5.55
C LYS A 289 3.63 28.44 -4.93
N LEU A 290 2.51 28.19 -4.27
CA LEU A 290 2.23 26.85 -3.83
C LEU A 290 2.35 25.88 -5.02
N LEU A 291 1.73 26.22 -6.15
CA LEU A 291 1.84 25.34 -7.32
C LEU A 291 3.29 25.14 -7.79
N ASP A 292 4.08 26.22 -7.85
CA ASP A 292 5.48 26.08 -8.22
C ASP A 292 6.15 25.12 -7.28
N MSE A 293 5.95 25.35 -5.99
CA MSE A 293 6.53 24.52 -4.96
C MSE A 293 6.21 23.04 -5.12
O MSE A 293 7.10 22.22 -5.04
CB MSE A 293 6.15 25.03 -3.59
CG MSE A 293 7.03 26.19 -3.13
SE MSE A 293 6.31 26.98 -1.53
CE MSE A 293 6.67 25.54 -0.26
N ILE A 294 4.95 22.72 -5.35
CA ILE A 294 4.54 21.33 -5.54
C ILE A 294 5.25 20.73 -6.74
N ILE A 295 5.48 21.53 -7.78
CA ILE A 295 6.15 21.04 -8.99
C ILE A 295 7.64 20.76 -8.76
N GLU A 296 8.32 21.77 -8.25
CA GLU A 296 9.72 21.73 -7.98
C GLU A 296 10.03 20.58 -7.03
N THR A 297 9.31 20.55 -5.91
CA THR A 297 9.50 19.54 -4.86
C THR A 297 9.16 18.13 -5.40
N SER A 298 8.10 18.01 -6.18
CA SER A 298 7.70 16.70 -6.68
C SER A 298 8.77 16.20 -7.63
N LEU A 299 9.32 17.09 -8.45
CA LEU A 299 10.40 16.74 -9.36
C LEU A 299 11.60 16.24 -8.56
N ARG A 300 11.92 16.94 -7.48
CA ARG A 300 13.05 16.56 -6.66
C ARG A 300 12.83 15.16 -6.08
N VAL A 301 11.59 14.90 -5.68
CA VAL A 301 11.29 13.69 -4.95
C VAL A 301 11.30 12.51 -5.90
N ARG A 302 10.72 12.70 -7.07
CA ARG A 302 10.65 11.65 -8.06
C ARG A 302 12.05 11.27 -8.51
N LYS A 303 12.96 12.25 -8.51
CA LYS A 303 14.36 12.01 -8.86
C LYS A 303 15.00 11.12 -7.82
N GLU A 304 14.83 11.49 -6.55
CA GLU A 304 15.32 10.70 -5.43
C GLU A 304 14.79 9.25 -5.40
N GLU A 305 13.71 8.98 -6.10
CA GLU A 305 13.01 7.71 -5.96
C GLU A 305 13.52 6.66 -6.93
N GLY A 306 14.50 7.05 -7.74
CA GLY A 306 15.02 6.17 -8.76
C GLY A 306 13.99 6.00 -9.86
N ALA B 3 -16.68 -19.91 -24.33
CA ALA B 3 -15.42 -20.33 -23.70
C ALA B 3 -14.64 -19.14 -23.17
N MSE B 4 -14.32 -19.15 -21.88
CA MSE B 4 -13.72 -17.98 -21.26
C MSE B 4 -12.29 -17.67 -21.69
O MSE B 4 -11.40 -18.50 -21.51
CB MSE B 4 -13.75 -18.11 -19.73
CG MSE B 4 -12.87 -17.08 -19.08
SE MSE B 4 -13.03 -17.13 -17.17
CE MSE B 4 -14.76 -16.26 -16.94
N ARG B 5 -12.05 -16.46 -22.19
CA ARG B 5 -10.73 -16.13 -22.70
C ARG B 5 -9.77 -15.76 -21.55
N ILE B 6 -8.71 -16.55 -21.42
CA ILE B 6 -7.73 -16.39 -20.34
C ILE B 6 -6.46 -15.81 -20.92
N GLY B 7 -6.19 -14.54 -20.62
CA GLY B 7 -4.90 -13.94 -20.91
C GLY B 7 -3.80 -14.42 -19.99
N VAL B 8 -2.71 -14.93 -20.55
CA VAL B 8 -1.56 -15.30 -19.72
C VAL B 8 -0.53 -14.19 -19.81
N ILE B 9 -0.33 -13.47 -18.70
CA ILE B 9 0.37 -12.19 -18.73
C ILE B 9 1.83 -12.33 -18.37
N MSE B 10 2.70 -11.93 -19.30
CA MSE B 10 4.15 -12.08 -19.11
C MSE B 10 4.81 -10.73 -19.32
O MSE B 10 4.36 -9.95 -20.14
CB MSE B 10 4.71 -13.10 -20.12
CG MSE B 10 4.03 -14.46 -20.09
SE MSE B 10 4.50 -15.76 -21.50
CE MSE B 10 3.16 -15.29 -22.85
N GLY B 11 5.88 -10.44 -18.60
CA GLY B 11 6.56 -9.17 -18.78
C GLY B 11 7.70 -8.95 -17.82
N GLY B 12 8.19 -7.72 -17.74
CA GLY B 12 9.37 -7.43 -16.94
C GLY B 12 10.55 -7.16 -17.84
N VAL B 13 11.72 -6.93 -17.24
CA VAL B 13 12.96 -6.76 -17.99
C VAL B 13 14.07 -7.73 -17.61
N SER B 14 14.90 -8.08 -18.59
CA SER B 14 16.09 -8.88 -18.34
C SER B 14 15.74 -10.25 -17.74
N SER B 15 16.31 -10.58 -16.59
CA SER B 15 16.06 -11.87 -15.93
C SER B 15 14.59 -12.18 -15.66
N GLU B 16 13.92 -11.26 -14.97
CA GLU B 16 12.51 -11.40 -14.61
C GLU B 16 11.66 -11.72 -15.83
N LYS B 17 11.95 -11.05 -16.93
CA LYS B 17 11.22 -11.34 -18.15
C LYS B 17 11.41 -12.79 -18.55
N GLN B 18 12.65 -13.25 -18.51
CA GLN B 18 12.93 -14.66 -18.82
C GLN B 18 12.10 -15.58 -17.94
N VAL B 19 12.26 -15.42 -16.63
CA VAL B 19 11.54 -16.16 -15.61
C VAL B 19 10.03 -16.05 -15.80
N SER B 20 9.56 -14.95 -16.36
CA SER B 20 8.14 -14.75 -16.52
C SER B 20 7.65 -15.55 -17.70
N ILE B 21 8.49 -15.61 -18.72
CA ILE B 21 8.17 -16.26 -19.99
C ILE B 21 8.11 -17.77 -19.78
N MSE B 22 9.09 -18.27 -19.04
CA MSE B 22 9.17 -19.65 -18.65
C MSE B 22 7.97 -20.05 -17.75
O MSE B 22 7.45 -21.16 -17.86
CB MSE B 22 10.54 -19.92 -18.04
CG MSE B 22 10.58 -20.69 -16.73
SE MSE B 22 12.42 -21.30 -16.38
CE MSE B 22 13.53 -19.79 -16.81
N THR B 23 7.51 -19.13 -16.91
CA THR B 23 6.26 -19.32 -16.19
C THR B 23 5.04 -19.32 -17.14
N GLY B 24 4.99 -18.36 -18.04
CA GLY B 24 3.87 -18.26 -18.95
C GLY B 24 3.74 -19.45 -19.88
N ASN B 25 4.87 -20.03 -20.26
CA ASN B 25 4.82 -21.12 -21.22
C ASN B 25 4.30 -22.40 -20.55
N GLU B 26 4.71 -22.59 -19.30
CA GLU B 26 4.21 -23.70 -18.51
C GLU B 26 2.71 -23.57 -18.33
N MSE B 27 2.22 -22.35 -18.12
CA MSE B 27 0.79 -22.20 -17.93
C MSE B 27 0.05 -22.47 -19.24
O MSE B 27 -0.89 -23.26 -19.29
CB MSE B 27 0.47 -20.80 -17.45
CG MSE B 27 0.71 -20.62 -15.97
SE MSE B 27 0.55 -18.74 -15.52
CE MSE B 27 0.96 -18.84 -13.64
N ILE B 28 0.52 -21.79 -20.28
CA ILE B 28 -0.03 -21.90 -21.63
C ILE B 28 -0.12 -23.36 -22.09
N ALA B 29 0.82 -24.19 -21.67
CA ALA B 29 0.77 -25.60 -22.03
C ALA B 29 -0.22 -26.44 -21.17
N ASN B 30 -0.37 -26.10 -19.90
CA ASN B 30 -1.19 -26.88 -19.00
C ASN B 30 -2.62 -26.45 -18.74
N LEU B 31 -3.05 -25.34 -19.34
CA LEU B 31 -4.43 -24.88 -19.17
C LEU B 31 -5.36 -25.79 -19.96
N ASP B 32 -6.46 -26.24 -19.35
CA ASP B 32 -7.41 -27.07 -20.09
C ASP B 32 -7.93 -26.29 -21.31
N LYS B 33 -7.70 -26.83 -22.52
CA LYS B 33 -8.03 -26.10 -23.74
C LYS B 33 -9.52 -26.21 -24.07
N ASN B 34 -10.19 -27.12 -23.38
CA ASN B 34 -11.64 -27.24 -23.48
C ASN B 34 -12.38 -26.22 -22.61
N LYS B 35 -11.93 -26.00 -21.37
CA LYS B 35 -12.49 -24.91 -20.57
C LYS B 35 -12.17 -23.55 -21.18
N TYR B 36 -10.92 -23.40 -21.63
CA TYR B 36 -10.38 -22.07 -21.89
C TYR B 36 -9.96 -21.82 -23.31
N GLU B 37 -9.99 -20.55 -23.67
CA GLU B 37 -9.37 -20.05 -24.88
C GLU B 37 -8.16 -19.29 -24.35
N ILE B 38 -6.97 -19.71 -24.74
CA ILE B 38 -5.75 -19.16 -24.14
C ILE B 38 -5.17 -18.02 -25.00
N VAL B 39 -4.91 -16.86 -24.39
CA VAL B 39 -4.44 -15.69 -25.11
C VAL B 39 -3.08 -15.26 -24.55
N PRO B 40 -1.98 -15.81 -25.11
CA PRO B 40 -0.71 -15.37 -24.55
C PRO B 40 -0.52 -13.88 -24.81
N ILE B 41 -0.09 -13.17 -23.77
CA ILE B 41 0.17 -11.72 -23.83
C ILE B 41 1.60 -11.40 -23.37
N THR B 42 2.44 -10.89 -24.25
CA THR B 42 3.78 -10.48 -23.84
C THR B 42 3.97 -8.95 -23.81
N LEU B 43 4.29 -8.40 -22.64
CA LEU B 43 4.32 -6.94 -22.52
C LEU B 43 5.67 -6.35 -22.92
N ASN B 44 5.67 -5.55 -23.99
CA ASN B 44 6.87 -4.83 -24.40
C ASN B 44 7.19 -3.79 -23.33
N GLU B 45 6.21 -2.93 -23.09
CA GLU B 45 6.18 -2.02 -21.95
C GLU B 45 4.99 -2.44 -21.06
N LYS B 46 5.08 -2.14 -19.77
CA LYS B 46 3.96 -2.42 -18.88
C LYS B 46 2.61 -1.89 -19.39
N MSE B 47 2.51 -0.61 -19.72
CA MSE B 47 1.19 -0.04 -20.05
C MSE B 47 0.61 -0.48 -21.42
O MSE B 47 -0.52 -0.14 -21.76
CB MSE B 47 1.17 1.48 -19.87
CG MSE B 47 1.68 1.94 -18.51
SE MSE B 47 1.02 0.91 -17.00
CE MSE B 47 -0.81 1.34 -17.06
N ASP B 48 1.38 -1.24 -22.19
CA ASP B 48 0.88 -1.88 -23.40
C ASP B 48 -0.22 -2.87 -22.99
N LEU B 49 -0.34 -3.10 -21.69
CA LEU B 49 -1.32 -4.03 -21.12
C LEU B 49 -2.76 -3.63 -21.37
N ILE B 50 -3.01 -2.35 -21.47
CA ILE B 50 -4.36 -1.86 -21.64
C ILE B 50 -4.88 -2.20 -23.03
N GLU B 51 -4.04 -1.99 -24.03
CA GLU B 51 -4.39 -2.32 -25.39
C GLU B 51 -4.67 -3.82 -25.50
N LYS B 52 -3.68 -4.62 -25.12
CA LYS B 52 -3.77 -6.07 -25.23
C LYS B 52 -4.95 -6.63 -24.45
N ALA B 53 -5.12 -6.17 -23.22
CA ALA B 53 -6.15 -6.73 -22.35
C ALA B 53 -7.55 -6.43 -22.86
N LYS B 54 -7.63 -5.62 -23.90
CA LYS B 54 -8.92 -5.19 -24.45
C LYS B 54 -9.84 -6.35 -24.86
N ASP B 55 -9.33 -7.40 -25.52
CA ASP B 55 -10.10 -8.66 -25.47
C ASP B 55 -9.36 -9.81 -24.78
N ILE B 56 -9.75 -10.03 -23.52
CA ILE B 56 -9.53 -11.24 -22.73
C ILE B 56 -10.59 -11.12 -21.64
N ASP B 57 -11.03 -12.22 -21.04
CA ASP B 57 -11.92 -12.13 -19.87
C ASP B 57 -11.27 -12.27 -18.49
N PHE B 58 -10.01 -12.68 -18.46
CA PHE B 58 -9.29 -12.87 -17.20
C PHE B 58 -7.78 -12.71 -17.43
N ALA B 59 -7.06 -12.10 -16.48
CA ALA B 59 -5.60 -12.05 -16.60
C ALA B 59 -4.94 -12.95 -15.57
N LEU B 60 -4.39 -14.03 -16.08
CA LEU B 60 -3.61 -14.94 -15.28
C LEU B 60 -2.16 -14.44 -15.36
N LEU B 61 -1.67 -13.94 -14.24
CA LEU B 61 -0.41 -13.28 -14.16
C LEU B 61 0.69 -14.31 -14.07
N ALA B 62 1.59 -14.25 -15.05
CA ALA B 62 2.82 -15.04 -15.16
C ALA B 62 4.04 -14.28 -14.67
N LEU B 63 3.81 -13.11 -14.11
CA LEU B 63 4.86 -12.15 -13.74
C LEU B 63 5.69 -12.61 -12.53
N HIS B 64 6.87 -12.02 -12.37
CA HIS B 64 7.74 -12.33 -11.26
C HIS B 64 8.60 -11.10 -10.92
N GLY B 65 8.89 -10.88 -9.65
CA GLY B 65 9.67 -9.73 -9.25
C GLY B 65 8.86 -8.46 -9.07
N LYS B 66 9.59 -7.34 -8.91
N LYS B 66 9.58 -7.34 -8.93
CA LYS B 66 8.98 -6.07 -8.58
CA LYS B 66 8.98 -6.06 -8.60
C LYS B 66 7.87 -5.73 -9.56
C LYS B 66 7.86 -5.75 -9.56
N TYR B 67 8.07 -6.12 -10.81
CA TYR B 67 7.17 -5.77 -11.88
C TYR B 67 5.76 -6.30 -11.63
N GLY B 68 5.65 -7.47 -11.03
CA GLY B 68 4.33 -7.94 -10.69
C GLY B 68 3.97 -7.73 -9.24
N GLU B 69 4.95 -7.38 -8.41
CA GLU B 69 4.66 -7.17 -6.98
C GLU B 69 4.42 -5.73 -6.55
N ASP B 70 4.71 -4.75 -7.39
CA ASP B 70 4.60 -3.40 -6.87
C ASP B 70 3.11 -2.96 -6.75
N GLY B 71 2.24 -3.62 -7.50
CA GLY B 71 0.84 -3.29 -7.50
C GLY B 71 0.29 -2.55 -8.72
N THR B 72 1.16 -1.98 -9.57
CA THR B 72 0.67 -1.26 -10.73
C THR B 72 -0.18 -2.12 -11.68
N VAL B 73 0.35 -3.24 -12.11
CA VAL B 73 -0.41 -4.14 -12.99
C VAL B 73 -1.79 -4.50 -12.40
N GLN B 74 -1.83 -4.85 -11.13
CA GLN B 74 -3.11 -5.14 -10.47
C GLN B 74 -4.03 -3.90 -10.46
N GLY B 75 -3.43 -2.72 -10.28
CA GLY B 75 -4.19 -1.49 -10.22
C GLY B 75 -4.81 -1.17 -11.57
N THR B 76 -4.01 -1.38 -12.60
CA THR B 76 -4.36 -1.15 -13.97
C THR B 76 -5.47 -2.09 -14.38
N LEU B 77 -5.38 -3.35 -13.95
CA LEU B 77 -6.35 -4.36 -14.36
C LEU B 77 -7.69 -4.12 -13.67
N GLU B 78 -7.63 -3.73 -12.40
CA GLU B 78 -8.79 -3.31 -11.67
C GLU B 78 -9.53 -2.20 -12.40
N SER B 79 -8.79 -1.20 -12.88
CA SER B 79 -9.35 -0.01 -13.54
C SER B 79 -9.99 -0.30 -14.90
N LEU B 80 -9.44 -1.30 -15.59
CA LEU B 80 -10.03 -1.77 -16.84
C LEU B 80 -11.20 -2.71 -16.54
N GLY B 81 -11.43 -3.02 -15.27
CA GLY B 81 -12.46 -3.98 -14.89
C GLY B 81 -12.23 -5.45 -15.31
N ILE B 82 -10.97 -5.83 -15.46
CA ILE B 82 -10.61 -7.19 -15.80
C ILE B 82 -10.18 -7.98 -14.56
N PRO B 83 -10.86 -9.10 -14.26
CA PRO B 83 -10.38 -9.81 -13.08
C PRO B 83 -9.00 -10.46 -13.35
N TYR B 84 -8.24 -10.76 -12.30
CA TYR B 84 -6.86 -11.15 -12.48
C TYR B 84 -6.47 -11.99 -11.27
N SER B 85 -5.38 -12.72 -11.36
CA SER B 85 -5.01 -13.65 -10.31
C SER B 85 -4.27 -12.99 -9.15
N GLY B 86 -4.47 -13.48 -7.94
CA GLY B 86 -3.58 -13.14 -6.86
C GLY B 86 -4.01 -11.94 -6.04
N SER B 87 -3.10 -11.50 -5.21
CA SER B 87 -3.37 -10.41 -4.32
C SER B 87 -3.63 -9.11 -5.08
N ASN B 88 -4.35 -8.19 -4.44
CA ASN B 88 -4.58 -6.88 -5.05
C ASN B 88 -3.44 -5.89 -4.90
N MSE B 89 -3.64 -4.70 -5.44
CA MSE B 89 -2.62 -3.65 -5.44
C MSE B 89 -2.07 -3.29 -4.07
O MSE B 89 -0.87 -3.20 -3.89
CB MSE B 89 -3.17 -2.40 -6.06
CG MSE B 89 -2.16 -1.25 -6.10
SE MSE B 89 -2.72 0.30 -7.19
CE MSE B 89 -4.57 0.55 -6.62
N LEU B 90 -2.95 -3.07 -3.10
CA LEU B 90 -2.49 -2.60 -1.82
C LEU B 90 -1.70 -3.71 -1.11
N SER B 91 -2.25 -4.92 -1.15
CA SER B 91 -1.62 -6.08 -0.58
C SER B 91 -0.26 -6.46 -1.24
N SER B 92 -0.21 -6.50 -2.58
CA SER B 92 1.08 -6.66 -3.26
C SER B 92 2.11 -5.63 -2.81
N GLY B 93 1.73 -4.36 -2.82
CA GLY B 93 2.64 -3.31 -2.43
C GLY B 93 3.18 -3.46 -1.04
N ILE B 94 2.28 -3.69 -0.09
CA ILE B 94 2.64 -3.83 1.32
C ILE B 94 3.57 -5.03 1.53
N CYS B 95 3.30 -6.12 0.82
CA CYS B 95 4.09 -7.34 0.98
C CYS B 95 5.46 -7.23 0.35
N MSE B 96 5.64 -6.24 -0.50
CA MSE B 96 6.93 -5.99 -1.11
C MSE B 96 7.73 -4.98 -0.29
O MSE B 96 8.91 -4.78 -0.55
CB MSE B 96 6.73 -5.45 -2.52
CG MSE B 96 8.04 -5.05 -3.14
SE MSE B 96 7.87 -4.36 -4.92
CE MSE B 96 7.99 -2.44 -4.47
N ASP B 97 7.10 -4.36 0.69
CA ASP B 97 7.80 -3.41 1.57
C ASP B 97 8.10 -4.09 2.91
N LYS B 98 9.39 -4.27 3.24
CA LYS B 98 9.74 -5.13 4.38
C LYS B 98 9.41 -4.40 5.68
N ASN B 99 9.84 -3.15 5.76
CA ASN B 99 9.53 -2.32 6.89
C ASN B 99 8.02 -2.20 7.18
N ILE B 100 7.22 -1.83 6.19
CA ILE B 100 5.78 -1.68 6.46
C ILE B 100 5.14 -3.04 6.81
N SER B 101 5.62 -4.08 6.17
CA SER B 101 5.14 -5.42 6.40
C SER B 101 5.37 -5.83 7.85
N LYS B 102 6.58 -5.59 8.34
CA LYS B 102 6.89 -6.08 9.67
C LYS B 102 6.08 -5.30 10.72
N LYS B 103 5.87 -4.00 10.46
CA LYS B 103 5.08 -3.15 11.35
C LYS B 103 3.67 -3.69 11.49
N ILE B 104 3.02 -3.96 10.37
CA ILE B 104 1.71 -4.58 10.42
C ILE B 104 1.78 -5.96 11.08
N LEU B 105 2.91 -6.67 10.95
CA LEU B 105 3.03 -8.00 11.56
C LEU B 105 3.20 -7.93 13.07
N ARG B 106 4.14 -7.13 13.55
CA ARG B 106 4.26 -6.88 14.99
C ARG B 106 2.99 -6.31 15.68
N TYR B 107 2.24 -5.44 15.00
CA TYR B 107 1.02 -4.96 15.62
C TYR B 107 0.08 -6.16 15.94
N GLU B 108 0.11 -7.19 15.10
CA GLU B 108 -0.66 -8.40 15.40
C GLU B 108 0.06 -9.39 16.36
N GLY B 109 1.31 -9.06 16.70
CA GLY B 109 2.12 -9.87 17.58
C GLY B 109 2.52 -11.17 16.93
N ILE B 110 2.66 -11.13 15.61
CA ILE B 110 3.13 -12.27 14.86
C ILE B 110 4.65 -12.19 14.89
N GLU B 111 5.29 -13.34 15.02
CA GLU B 111 6.70 -13.32 15.29
C GLU B 111 7.46 -12.94 14.05
N THR B 112 8.24 -11.88 14.16
CA THR B 112 9.21 -11.56 13.14
C THR B 112 10.42 -10.89 13.82
N PRO B 113 11.64 -11.15 13.34
CA PRO B 113 12.83 -10.59 13.98
C PRO B 113 12.74 -9.09 14.22
N ASP B 114 13.20 -8.64 15.38
CA ASP B 114 13.26 -7.23 15.67
C ASP B 114 14.14 -6.58 14.61
N TRP B 115 13.92 -5.31 14.33
CA TRP B 115 14.67 -4.73 13.23
C TRP B 115 14.83 -3.23 13.30
N ILE B 116 15.43 -2.68 12.26
CA ILE B 116 15.56 -1.25 12.10
C ILE B 116 15.58 -0.88 10.62
N GLU B 117 15.03 0.27 10.27
CA GLU B 117 15.01 0.67 8.86
C GLU B 117 16.06 1.75 8.61
N LEU B 118 16.71 1.70 7.45
CA LEU B 118 17.77 2.66 7.12
C LEU B 118 17.54 3.34 5.79
N THR B 119 17.77 4.64 5.74
CA THR B 119 17.49 5.43 4.53
C THR B 119 18.73 5.92 3.80
N LYS B 120 18.70 5.88 2.47
CA LYS B 120 19.84 6.29 1.63
C LYS B 120 20.37 7.65 2.06
N MSE B 121 19.46 8.61 2.23
CA MSE B 121 19.81 9.96 2.66
C MSE B 121 20.13 10.03 4.14
O MSE B 121 21.04 10.75 4.55
CB MSE B 121 18.66 10.92 2.33
CG MSE B 121 19.00 11.91 1.24
SE MSE B 121 17.67 11.95 -0.18
CE MSE B 121 18.70 12.97 -1.49
N GLU B 122 19.36 9.29 4.94
CA GLU B 122 19.47 9.28 6.39
C GLU B 122 20.69 8.54 6.93
N ASP B 123 21.00 8.84 8.19
CA ASP B 123 22.04 8.09 8.88
C ASP B 123 21.47 7.36 10.08
N LEU B 124 22.20 6.36 10.52
CA LEU B 124 21.76 5.42 11.54
C LEU B 124 22.11 5.89 12.95
N ASN B 125 21.09 6.12 13.77
CA ASN B 125 21.38 6.42 15.16
C ASN B 125 21.70 5.10 15.84
N PHE B 126 22.94 4.99 16.29
CA PHE B 126 23.43 3.75 16.84
C PHE B 126 22.57 3.45 18.06
N ASP B 127 21.84 4.48 18.49
CA ASP B 127 20.98 4.41 19.66
C ASP B 127 19.99 3.25 19.53
N GLU B 128 19.21 3.26 18.46
CA GLU B 128 18.19 2.24 18.25
C GLU B 128 18.80 0.95 17.70
N LEU B 129 19.85 1.11 16.91
CA LEU B 129 20.55 0.00 16.27
C LEU B 129 21.03 -1.06 17.24
N ASP B 130 22.02 -0.71 18.05
CA ASP B 130 22.69 -1.71 18.89
C ASP B 130 21.76 -2.36 19.91
N LYS B 131 20.55 -1.81 20.06
CA LYS B 131 19.56 -2.42 20.94
C LYS B 131 19.23 -3.87 20.54
N LEU B 132 19.24 -4.15 19.23
CA LEU B 132 19.09 -5.54 18.78
C LEU B 132 20.42 -6.30 18.70
N GLY B 133 21.53 -5.57 18.80
CA GLY B 133 22.84 -6.17 19.00
C GLY B 133 23.38 -6.96 17.84
N PHE B 134 24.08 -8.05 18.10
CA PHE B 134 24.71 -8.81 17.04
C PHE B 134 24.49 -10.32 17.11
N PRO B 135 24.63 -11.01 15.96
CA PRO B 135 24.97 -10.36 14.69
C PRO B 135 23.71 -9.95 13.94
N LEU B 136 23.89 -9.37 12.76
CA LEU B 136 22.79 -8.77 12.02
C LEU B 136 22.73 -9.25 10.58
N VAL B 137 21.56 -9.14 9.99
CA VAL B 137 21.40 -9.37 8.55
C VAL B 137 20.93 -8.07 7.93
N VAL B 138 21.47 -7.74 6.77
CA VAL B 138 21.04 -6.55 6.07
C VAL B 138 20.33 -6.95 4.79
N LYS B 139 19.09 -6.52 4.66
CA LYS B 139 18.28 -6.85 3.49
C LYS B 139 17.80 -5.57 2.81
N PRO B 140 17.71 -5.59 1.48
CA PRO B 140 17.08 -4.43 0.85
C PRO B 140 15.59 -4.37 1.28
N ASN B 141 15.05 -3.16 1.48
CA ASN B 141 13.64 -3.04 1.81
C ASN B 141 12.63 -3.56 0.77
N SER B 142 12.86 -3.32 -0.51
CA SER B 142 11.97 -3.86 -1.56
C SER B 142 12.39 -5.21 -2.15
N GLY B 143 13.62 -5.65 -1.85
CA GLY B 143 14.11 -6.97 -2.30
C GLY B 143 14.69 -7.09 -3.71
N GLY B 148 21.32 -8.69 -2.33
CA GLY B 148 21.32 -9.98 -1.67
C GLY B 148 21.53 -9.92 -0.16
N VAL B 149 21.95 -11.04 0.42
CA VAL B 149 22.15 -11.13 1.86
C VAL B 149 23.59 -10.80 2.28
N LYS B 150 23.68 -9.98 3.32
CA LYS B 150 24.95 -9.71 3.99
C LYS B 150 24.71 -9.91 5.50
N ILE B 151 25.45 -10.85 6.10
CA ILE B 151 25.39 -11.05 7.54
C ILE B 151 26.52 -10.26 8.18
N VAL B 152 26.25 -9.58 9.28
CA VAL B 152 27.27 -8.74 9.91
C VAL B 152 27.53 -9.10 11.38
N TYR B 153 28.73 -9.59 11.65
CA TYR B 153 29.12 -10.10 12.96
C TYR B 153 29.58 -9.08 14.01
N ASP B 154 30.25 -8.01 13.56
CA ASP B 154 31.01 -7.11 14.44
C ASP B 154 30.60 -5.64 14.40
N LYS B 155 31.34 -4.80 15.12
CA LYS B 155 31.12 -3.35 15.14
C LYS B 155 31.12 -2.72 13.75
N ASP B 156 32.29 -2.78 13.09
CA ASP B 156 32.49 -2.18 11.78
C ASP B 156 31.80 -2.97 10.69
N GLU B 157 31.43 -4.21 11.00
CA GLU B 157 30.87 -5.14 10.03
C GLU B 157 29.69 -4.53 9.27
N LEU B 158 28.72 -4.02 10.03
CA LEU B 158 27.49 -3.44 9.51
C LEU B 158 27.75 -2.37 8.44
N ILE B 159 28.62 -1.44 8.78
CA ILE B 159 28.90 -0.24 7.98
C ILE B 159 29.21 -0.52 6.52
N SER B 160 30.17 -1.41 6.29
CA SER B 160 30.65 -1.68 4.94
C SER B 160 29.53 -2.04 3.95
N MSE B 161 28.48 -2.71 4.44
CA MSE B 161 27.39 -3.17 3.58
C MSE B 161 26.44 -2.06 3.11
O MSE B 161 26.15 -1.96 1.92
CB MSE B 161 26.58 -4.24 4.32
CG MSE B 161 27.41 -5.31 4.99
SE MSE B 161 28.25 -6.57 3.76
CE MSE B 161 28.78 -7.95 5.03
N LEU B 162 25.97 -1.25 4.05
CA LEU B 162 24.96 -0.22 3.76
C LEU B 162 25.34 0.55 2.52
N GLU B 163 26.64 0.81 2.40
CA GLU B 163 27.18 1.57 1.28
C GLU B 163 26.71 1.02 -0.06
N THR B 164 26.93 -0.28 -0.28
CA THR B 164 26.55 -0.91 -1.55
C THR B 164 25.07 -1.31 -1.64
N VAL B 165 24.41 -1.45 -0.49
CA VAL B 165 22.99 -1.75 -0.48
C VAL B 165 22.22 -0.49 -0.81
N PHE B 166 22.78 0.66 -0.40
CA PHE B 166 22.20 1.97 -0.69
C PHE B 166 22.47 2.38 -2.13
N GLU B 167 23.51 1.79 -2.71
CA GLU B 167 23.73 1.97 -4.13
C GLU B 167 22.47 1.49 -4.81
N TRP B 168 22.14 0.23 -4.58
CA TRP B 168 21.01 -0.42 -5.24
C TRP B 168 19.61 -0.09 -4.68
N ASP B 169 19.44 -0.22 -3.37
CA ASP B 169 18.17 0.11 -2.73
C ASP B 169 18.34 1.42 -1.96
N SER B 170 17.45 2.37 -2.18
CA SER B 170 17.43 3.60 -1.40
C SER B 170 17.03 3.32 0.05
N GLU B 171 16.60 2.10 0.32
N GLU B 171 16.62 2.09 0.31
CA GLU B 171 16.09 1.79 1.64
CA GLU B 171 16.02 1.72 1.59
C GLU B 171 16.49 0.37 2.05
C GLU B 171 16.51 0.34 2.03
N VAL B 172 16.95 0.24 3.29
CA VAL B 172 17.46 -1.03 3.81
C VAL B 172 16.84 -1.43 5.14
N VAL B 173 16.61 -2.72 5.34
CA VAL B 173 16.22 -3.20 6.65
C VAL B 173 17.39 -3.90 7.33
N ILE B 174 17.65 -3.58 8.58
CA ILE B 174 18.65 -4.29 9.38
C ILE B 174 17.98 -5.08 10.48
N GLU B 175 18.13 -6.40 10.46
CA GLU B 175 17.48 -7.27 11.44
C GLU B 175 18.51 -7.96 12.31
N LYS B 176 18.09 -8.34 13.52
CA LYS B 176 18.87 -9.27 14.29
C LYS B 176 18.81 -10.62 13.59
N TYR B 177 19.96 -11.28 13.48
CA TYR B 177 20.06 -12.54 12.75
C TYR B 177 19.56 -13.72 13.61
N ILE B 178 18.52 -14.41 13.15
CA ILE B 178 18.11 -15.66 13.81
C ILE B 178 18.57 -16.89 12.99
N LYS B 179 19.32 -17.77 13.64
CA LYS B 179 19.78 -19.01 13.00
C LYS B 179 18.89 -20.16 13.44
N GLY B 180 18.32 -20.86 12.48
CA GLY B 180 17.29 -21.83 12.79
C GLY B 180 17.04 -22.64 11.54
N GLU B 181 15.95 -23.41 11.54
CA GLU B 181 15.63 -24.28 10.42
C GLU B 181 14.62 -23.58 9.51
N GLU B 182 14.97 -23.42 8.22
CA GLU B 182 14.15 -22.66 7.28
C GLU B 182 13.02 -23.50 6.71
N ILE B 183 11.84 -22.89 6.62
CA ILE B 183 10.67 -23.50 6.00
C ILE B 183 9.92 -22.51 5.10
N THR B 184 9.00 -23.03 4.30
N THR B 184 8.99 -23.05 4.34
CA THR B 184 8.17 -22.17 3.50
CA THR B 184 8.17 -22.27 3.42
C THR B 184 6.75 -22.73 3.49
C THR B 184 6.73 -22.76 3.49
N CYS B 185 5.79 -21.85 3.70
CA CYS B 185 4.40 -22.25 3.86
C CYS B 185 3.51 -21.60 2.84
N SER B 186 3.02 -22.36 1.88
CA SER B 186 2.15 -21.82 0.87
C SER B 186 0.69 -21.75 1.41
N ILE B 187 -0.01 -20.65 1.16
CA ILE B 187 -1.44 -20.56 1.48
C ILE B 187 -2.23 -20.51 0.18
N PHE B 188 -3.25 -21.33 0.05
CA PHE B 188 -4.16 -21.15 -1.07
C PHE B 188 -5.55 -20.91 -0.56
N ASP B 189 -6.02 -19.68 -0.78
CA ASP B 189 -7.37 -19.26 -0.44
C ASP B 189 -7.69 -19.48 1.01
N GLY B 190 -6.77 -19.09 1.88
CA GLY B 190 -6.96 -19.28 3.32
C GLY B 190 -6.73 -20.68 3.89
N LYS B 191 -6.43 -21.66 3.04
CA LYS B 191 -6.09 -22.99 3.53
C LYS B 191 -4.57 -23.23 3.42
N GLN B 192 -3.92 -23.62 4.51
CA GLN B 192 -2.48 -23.96 4.44
C GLN B 192 -2.17 -25.27 3.68
N LEU B 193 -1.34 -25.17 2.64
CA LEU B 193 -0.82 -26.34 1.90
C LEU B 193 0.32 -27.04 2.66
N PRO B 194 0.71 -28.25 2.21
CA PRO B 194 1.78 -28.95 2.94
C PRO B 194 3.06 -28.12 3.07
N ILE B 195 3.61 -28.06 4.27
CA ILE B 195 4.85 -27.33 4.53
C ILE B 195 6.09 -27.97 3.86
N ILE B 196 7.05 -27.13 3.50
CA ILE B 196 8.30 -27.54 2.87
C ILE B 196 9.48 -27.07 3.67
N SER B 197 10.44 -27.97 3.88
CA SER B 197 11.63 -27.66 4.67
C SER B 197 12.78 -27.40 3.70
N ILE B 198 13.58 -26.40 3.99
CA ILE B 198 14.64 -25.96 3.09
C ILE B 198 15.98 -26.19 3.76
N ARG B 199 16.86 -26.88 3.06
CA ARG B 199 18.16 -27.30 3.57
C ARG B 199 19.19 -26.68 2.68
N HIS B 200 20.37 -26.43 3.23
CA HIS B 200 21.49 -25.96 2.45
C HIS B 200 22.58 -27.04 2.42
N ALA B 201 23.08 -27.30 1.22
CA ALA B 201 24.15 -28.26 0.97
C ALA B 201 25.10 -27.80 -0.14
N ALA B 202 26.40 -27.86 0.16
CA ALA B 202 27.45 -27.48 -0.78
C ALA B 202 27.42 -28.36 -2.02
N GLU B 203 27.59 -27.71 -3.17
CA GLU B 203 27.49 -28.36 -4.47
C GLU B 203 28.68 -27.93 -5.30
N PHE B 204 29.35 -28.91 -5.93
CA PHE B 204 30.39 -28.62 -6.92
C PHE B 204 29.96 -28.94 -8.37
N PHE B 205 30.21 -28.01 -9.28
CA PHE B 205 29.93 -28.25 -10.71
C PHE B 205 31.24 -28.35 -11.48
N ASP B 206 31.54 -29.54 -11.97
CA ASP B 206 32.85 -29.81 -12.54
C ASP B 206 33.00 -29.04 -13.83
N TYR B 207 32.03 -29.11 -14.72
CA TYR B 207 32.22 -28.48 -16.03
C TYR B 207 32.49 -26.99 -15.99
N ASN B 208 31.71 -26.23 -15.22
CA ASN B 208 31.93 -24.79 -15.11
C ASN B 208 32.98 -24.48 -14.05
N ALA B 209 33.38 -25.52 -13.33
CA ALA B 209 34.27 -25.39 -12.20
C ALA B 209 33.66 -24.43 -11.19
N LYS B 210 32.40 -24.62 -10.84
CA LYS B 210 31.77 -23.72 -9.90
C LYS B 210 31.52 -24.39 -8.56
N TYR B 211 31.71 -23.63 -7.48
CA TYR B 211 31.33 -24.10 -6.15
C TYR B 211 30.24 -23.20 -5.58
N ASP B 212 29.28 -23.81 -4.91
CA ASP B 212 28.16 -23.09 -4.32
C ASP B 212 27.83 -23.74 -2.98
N ASP B 213 27.75 -22.97 -1.89
CA ASP B 213 27.11 -23.51 -0.67
C ASP B 213 25.66 -23.07 -0.46
N ALA B 214 25.21 -22.15 -1.32
CA ALA B 214 23.92 -21.48 -1.17
C ALA B 214 22.82 -22.28 -1.86
N SER B 215 23.19 -23.45 -2.35
CA SER B 215 22.30 -24.32 -3.10
C SER B 215 21.31 -25.05 -2.18
N THR B 216 20.10 -25.23 -2.67
CA THR B 216 18.97 -25.51 -1.81
C THR B 216 18.40 -26.93 -2.01
N ILE B 217 17.96 -27.55 -0.91
CA ILE B 217 17.26 -28.84 -0.98
C ILE B 217 15.94 -28.75 -0.20
N GLU B 218 14.84 -29.06 -0.89
CA GLU B 218 13.51 -28.80 -0.34
C GLU B 218 12.72 -30.08 -0.32
N GLU B 219 12.27 -30.44 0.87
CA GLU B 219 11.57 -31.68 1.09
C GLU B 219 10.27 -31.39 1.81
N VAL B 220 9.27 -32.24 1.58
CA VAL B 220 8.03 -32.14 2.32
C VAL B 220 8.13 -33.06 3.49
N ILE B 221 8.28 -32.52 4.68
CA ILE B 221 8.36 -33.41 5.84
C ILE B 221 7.32 -33.01 6.88
N GLU B 222 6.53 -33.99 7.31
CA GLU B 222 5.58 -33.78 8.39
C GLU B 222 6.33 -33.35 9.63
N LEU B 223 5.96 -32.19 10.18
CA LEU B 223 6.60 -31.65 11.36
C LEU B 223 5.88 -32.13 12.61
N PRO B 224 6.56 -32.06 13.78
CA PRO B 224 5.85 -32.39 15.02
C PRO B 224 4.54 -31.61 15.10
N ALA B 225 3.44 -32.31 15.40
CA ALA B 225 2.11 -31.71 15.35
C ALA B 225 1.99 -30.43 16.18
N GLU B 226 2.85 -30.34 17.18
CA GLU B 226 2.91 -29.18 18.05
C GLU B 226 3.45 -27.96 17.29
N LEU B 227 4.59 -28.13 16.62
CA LEU B 227 5.18 -27.09 15.77
C LEU B 227 4.33 -26.82 14.54
N LYS B 228 3.78 -27.88 13.95
CA LYS B 228 2.88 -27.73 12.81
C LYS B 228 1.68 -26.85 13.10
N GLU B 229 1.22 -26.84 14.34
CA GLU B 229 0.10 -26.00 14.71
C GLU B 229 0.56 -24.55 14.77
N ARG B 230 1.69 -24.32 15.43
CA ARG B 230 2.20 -22.97 15.62
C ARG B 230 2.70 -22.40 14.29
N VAL B 231 3.02 -23.28 13.35
CA VAL B 231 3.41 -22.82 12.05
C VAL B 231 2.21 -22.42 11.22
N ASN B 232 1.15 -23.23 11.26
CA ASN B 232 -0.05 -22.96 10.49
C ASN B 232 -0.78 -21.74 11.02
N LYS B 233 -0.75 -21.57 12.34
CA LYS B 233 -1.39 -20.39 12.88
C LYS B 233 -0.74 -19.18 12.24
N ALA B 234 0.57 -19.09 12.38
CA ALA B 234 1.32 -17.89 11.99
C ALA B 234 1.25 -17.58 10.49
N SER B 235 1.35 -18.62 9.67
CA SER B 235 1.35 -18.40 8.24
C SER B 235 -0.02 -17.94 7.75
N LEU B 236 -1.09 -18.44 8.34
CA LEU B 236 -2.43 -17.91 8.03
C LEU B 236 -2.68 -16.51 8.60
N ALA B 237 -2.07 -16.20 9.75
CA ALA B 237 -2.23 -14.88 10.32
C ALA B 237 -1.62 -13.81 9.38
N CYS B 238 -0.40 -14.07 8.87
CA CYS B 238 0.27 -13.21 7.88
C CYS B 238 -0.61 -12.96 6.66
N TYR B 239 -1.06 -14.06 6.08
CA TYR B 239 -1.91 -13.96 4.92
C TYR B 239 -3.04 -13.01 5.23
N LYS B 240 -3.71 -13.21 6.37
CA LYS B 240 -4.82 -12.34 6.74
C LYS B 240 -4.34 -10.92 6.97
N ALA B 241 -3.27 -10.76 7.76
CA ALA B 241 -2.84 -9.43 8.20
C ALA B 241 -2.28 -8.55 7.08
N LEU B 242 -1.77 -9.18 6.04
CA LEU B 242 -1.19 -8.45 4.93
C LEU B 242 -2.17 -8.30 3.78
N LYS B 243 -3.38 -8.77 4.00
CA LYS B 243 -4.50 -8.64 3.07
C LYS B 243 -4.30 -9.39 1.76
N CYS B 244 -3.45 -10.40 1.81
CA CYS B 244 -3.25 -11.30 0.69
C CYS B 244 -4.53 -11.99 0.26
N SER B 245 -4.60 -12.35 -1.00
CA SER B 245 -5.72 -13.12 -1.44
C SER B 245 -5.33 -14.09 -2.55
N VAL B 246 -6.09 -15.16 -2.59
CA VAL B 246 -6.09 -16.25 -3.58
C VAL B 246 -4.89 -17.16 -3.48
N TYR B 247 -3.76 -16.64 -3.03
CA TYR B 247 -2.57 -17.45 -2.68
C TYR B 247 -1.39 -16.60 -2.33
N ALA B 248 -0.48 -17.19 -1.57
CA ALA B 248 0.70 -16.50 -1.07
C ALA B 248 1.74 -17.52 -0.59
N ARG B 249 2.98 -17.13 -0.42
CA ARG B 249 3.99 -18.03 0.10
C ARG B 249 4.67 -17.35 1.27
N VAL B 250 4.61 -17.96 2.46
CA VAL B 250 5.24 -17.33 3.61
C VAL B 250 6.54 -18.06 3.94
N ASP B 251 7.65 -17.34 3.92
CA ASP B 251 8.94 -17.96 4.24
C ASP B 251 9.20 -17.74 5.71
N MSE B 252 9.65 -18.80 6.39
CA MSE B 252 9.78 -18.74 7.85
C MSE B 252 11.07 -19.38 8.31
O MSE B 252 11.69 -20.15 7.57
CB MSE B 252 8.61 -19.41 8.55
CG MSE B 252 7.23 -18.99 8.09
SE MSE B 252 5.81 -19.29 9.41
CE MSE B 252 5.95 -17.63 10.41
N MSE B 253 11.45 -19.03 9.53
CA MSE B 253 12.66 -19.51 10.18
C MSE B 253 12.28 -20.04 11.58
O MSE B 253 11.79 -19.28 12.42
CB MSE B 253 13.65 -18.34 10.30
CG MSE B 253 14.96 -18.71 11.02
SE MSE B 253 16.17 -19.78 9.93
CE MSE B 253 16.93 -18.33 8.83
N VAL B 254 12.49 -21.33 11.83
CA VAL B 254 12.14 -21.87 13.16
C VAL B 254 13.32 -21.84 14.10
N LYS B 255 13.13 -21.21 15.25
CA LYS B 255 14.23 -21.14 16.20
C LYS B 255 13.74 -21.49 17.61
N ASP B 256 14.35 -22.53 18.17
CA ASP B 256 14.02 -22.98 19.52
C ASP B 256 12.50 -23.07 19.69
N GLY B 257 11.84 -23.75 18.75
CA GLY B 257 10.41 -23.97 18.80
C GLY B 257 9.53 -22.89 18.14
N ILE B 258 10.07 -21.68 17.97
CA ILE B 258 9.26 -20.56 17.48
C ILE B 258 9.57 -20.12 16.03
N PRO B 259 8.58 -20.25 15.14
CA PRO B 259 8.67 -19.78 13.75
C PRO B 259 8.64 -18.25 13.63
N TYR B 260 9.52 -17.68 12.82
CA TYR B 260 9.53 -16.23 12.61
C TYR B 260 9.34 -15.95 11.14
N VAL B 261 8.57 -14.90 10.81
CA VAL B 261 8.31 -14.61 9.40
C VAL B 261 9.49 -13.91 8.78
N MSE B 262 10.08 -14.59 7.80
CA MSE B 262 11.12 -14.01 6.94
C MSE B 262 10.68 -13.24 5.70
O MSE B 262 11.23 -12.20 5.40
CB MSE B 262 12.20 -15.06 6.65
CG MSE B 262 12.74 -15.72 7.95
SE MSE B 262 13.45 -14.50 9.33
CE MSE B 262 14.95 -13.80 8.28
N GLU B 263 9.69 -13.76 4.99
CA GLU B 263 9.21 -13.15 3.75
C GLU B 263 7.76 -13.48 3.45
N VAL B 264 7.08 -12.60 2.72
CA VAL B 264 5.71 -12.90 2.28
C VAL B 264 5.57 -12.57 0.82
N ASN B 265 5.32 -13.60 0.01
CA ASN B 265 5.40 -13.53 -1.44
C ASN B 265 4.01 -13.59 -2.04
N THR B 266 3.52 -12.47 -2.57
CA THR B 266 2.19 -12.43 -3.14
C THR B 266 2.21 -13.01 -4.53
N LEU B 267 3.42 -13.13 -5.06
CA LEU B 267 3.63 -13.53 -6.43
C LEU B 267 4.80 -14.54 -6.48
N PRO B 268 4.62 -15.71 -5.84
CA PRO B 268 5.67 -16.74 -5.74
C PRO B 268 5.85 -17.45 -7.05
N GLY B 269 6.94 -18.19 -7.18
CA GLY B 269 7.17 -18.96 -8.38
C GLY B 269 5.97 -19.83 -8.69
N MSE B 270 5.48 -19.66 -9.91
CA MSE B 270 4.47 -20.53 -10.51
C MSE B 270 4.90 -21.63 -11.50
O MSE B 270 4.04 -22.21 -12.17
CB MSE B 270 3.29 -19.71 -11.00
CG MSE B 270 2.55 -19.08 -9.80
SE MSE B 270 1.94 -20.41 -8.46
CE MSE B 270 0.72 -21.31 -9.67
N THR B 271 6.20 -21.85 -11.71
CA THR B 271 6.66 -23.00 -12.51
C THR B 271 6.51 -24.30 -11.71
N GLN B 272 6.45 -25.44 -12.40
CA GLN B 272 6.22 -26.73 -11.71
C GLN B 272 7.24 -27.18 -10.67
N ALA B 273 8.47 -26.74 -10.83
CA ALA B 273 9.50 -26.93 -9.82
C ALA B 273 9.43 -25.84 -8.73
N SER B 274 8.52 -24.88 -8.87
CA SER B 274 8.44 -23.87 -7.82
C SER B 274 7.78 -24.40 -6.56
N LEU B 275 8.04 -23.73 -5.44
CA LEU B 275 7.63 -24.27 -4.15
C LEU B 275 6.12 -24.45 -4.07
N LEU B 276 5.35 -23.42 -4.38
CA LEU B 276 3.89 -23.56 -4.27
C LEU B 276 3.30 -24.63 -5.17
N PRO B 277 3.72 -24.69 -6.43
CA PRO B 277 3.26 -25.87 -7.18
C PRO B 277 3.68 -27.24 -6.62
N LYS B 278 4.89 -27.40 -6.12
CA LYS B 278 5.21 -28.61 -5.34
C LYS B 278 4.33 -28.77 -4.09
N SER B 279 4.19 -27.72 -3.29
CA SER B 279 3.36 -27.80 -2.10
C SER B 279 1.94 -28.30 -2.44
N ALA B 280 1.30 -27.67 -3.42
CA ALA B 280 0.03 -28.17 -3.92
C ALA B 280 0.03 -29.65 -4.35
N ASP B 281 1.02 -30.05 -5.15
CA ASP B 281 1.04 -31.38 -5.76
C ASP B 281 1.08 -32.46 -4.67
N ALA B 282 1.82 -32.17 -3.62
CA ALA B 282 1.87 -33.01 -2.44
C ALA B 282 0.48 -33.19 -1.83
N ALA B 283 -0.36 -32.17 -1.97
CA ALA B 283 -1.73 -32.22 -1.45
C ALA B 283 -2.67 -32.83 -2.49
N GLY B 284 -2.11 -33.22 -3.63
CA GLY B 284 -2.82 -34.01 -4.61
C GLY B 284 -3.39 -33.19 -5.72
N ILE B 285 -3.06 -31.90 -5.70
CA ILE B 285 -3.56 -30.98 -6.71
C ILE B 285 -2.48 -30.92 -7.78
N HIS B 286 -2.78 -31.45 -8.95
CA HIS B 286 -1.83 -31.37 -10.04
C HIS B 286 -1.83 -30.00 -10.72
N TYR B 287 -0.74 -29.68 -11.40
CA TYR B 287 -0.54 -28.35 -11.97
C TYR B 287 -1.72 -27.77 -12.76
N SER B 288 -2.29 -28.56 -13.67
CA SER B 288 -3.39 -28.05 -14.48
C SER B 288 -4.58 -27.64 -13.64
N LYS B 289 -4.80 -28.36 -12.54
CA LYS B 289 -5.94 -28.07 -11.67
C LYS B 289 -5.63 -26.88 -10.79
N LEU B 290 -4.37 -26.78 -10.37
CA LEU B 290 -3.90 -25.60 -9.67
C LEU B 290 -4.31 -24.32 -10.43
N LEU B 291 -4.12 -24.28 -11.75
CA LEU B 291 -4.47 -23.10 -12.50
C LEU B 291 -6.00 -22.87 -12.50
N ASP B 292 -6.77 -23.96 -12.46
CA ASP B 292 -8.22 -23.82 -12.40
C ASP B 292 -8.65 -23.14 -11.12
N MSE B 293 -8.08 -23.60 -10.01
CA MSE B 293 -8.38 -23.05 -8.71
C MSE B 293 -8.00 -21.59 -8.62
O MSE B 293 -8.73 -20.78 -8.04
CB MSE B 293 -7.65 -23.84 -7.63
CG MSE B 293 -7.99 -25.29 -7.64
SE MSE B 293 -6.96 -26.29 -6.32
CE MSE B 293 -7.75 -25.56 -4.68
N ILE B 294 -6.86 -21.23 -9.20
CA ILE B 294 -6.42 -19.87 -9.17
C ILE B 294 -7.38 -19.00 -9.96
N ILE B 295 -7.90 -19.52 -11.06
CA ILE B 295 -8.86 -18.75 -11.83
C ILE B 295 -10.20 -18.60 -11.11
N GLU B 296 -10.76 -19.71 -10.63
CA GLU B 296 -12.05 -19.68 -9.94
C GLU B 296 -12.03 -18.91 -8.61
N THR B 297 -11.02 -19.14 -7.78
CA THR B 297 -10.84 -18.33 -6.59
C THR B 297 -10.55 -16.84 -6.90
N SER B 298 -9.81 -16.54 -7.96
CA SER B 298 -9.53 -15.14 -8.28
C SER B 298 -10.83 -14.43 -8.71
N LEU B 299 -11.59 -15.05 -9.59
CA LEU B 299 -12.89 -14.56 -10.02
C LEU B 299 -13.82 -14.23 -8.88
N ARG B 300 -13.94 -15.16 -7.94
CA ARG B 300 -14.81 -14.97 -6.79
C ARG B 300 -14.34 -13.80 -5.95
N VAL B 301 -13.02 -13.74 -5.70
CA VAL B 301 -12.45 -12.68 -4.89
C VAL B 301 -12.64 -11.32 -5.55
N ARG B 302 -12.22 -11.17 -6.81
CA ARG B 302 -12.47 -9.91 -7.50
C ARG B 302 -13.94 -9.44 -7.41
N LYS B 303 -14.89 -10.36 -7.52
CA LYS B 303 -16.31 -10.01 -7.40
C LYS B 303 -16.66 -9.44 -6.03
N GLU B 304 -16.08 -10.00 -4.99
CA GLU B 304 -16.36 -9.53 -3.63
C GLU B 304 -15.80 -8.12 -3.49
N GLU B 305 -14.65 -7.87 -4.08
CA GLU B 305 -14.00 -6.57 -3.99
C GLU B 305 -14.83 -5.47 -4.61
N GLY B 306 -15.45 -5.76 -5.76
CA GLY B 306 -16.26 -4.80 -6.47
C GLY B 306 -16.83 -5.35 -7.76
C1 EDO C . -7.40 7.23 9.56
O1 EDO C . -8.75 7.41 10.02
C2 EDO C . -6.38 7.56 10.66
O2 EDO C . -5.13 7.70 9.97
C1 EDO D . 10.06 25.99 -8.93
O1 EDO D . 9.07 26.02 -9.96
C2 EDO D . 10.13 27.34 -8.22
O2 EDO D . 10.32 28.41 -9.15
C1 EDO E . 8.26 -9.55 4.42
O1 EDO E . 7.06 -9.15 3.70
C2 EDO E . 8.02 -9.74 5.92
O2 EDO E . 9.25 -9.94 6.62
C1 EDO F . 15.51 -15.27 2.48
O1 EDO F . 15.39 -16.13 3.62
C2 EDO F . 14.78 -15.90 1.30
O2 EDO F . 15.72 -16.19 0.26
#